data_5J7E
#
_entry.id   5J7E
#
_cell.length_a   213.974
_cell.length_b   39.058
_cell.length_c   106.802
_cell.angle_alpha   90.00
_cell.angle_beta   118.03
_cell.angle_gamma   90.00
#
_symmetry.space_group_name_H-M   'C 1 2 1'
#
_entity_poly.entity_id   1
_entity_poly.type   'polypeptide(L)'
_entity_poly.pdbx_seq_one_letter_code
;MTMAGGRRGLVAPQNTFLENIVRRSNDTNFVLGNAQIVDWPIVYSNDGFCKLSGYHRAEVMQKSSTCSFMYGELTDKDTI
EKVRQTFENYEMNSFEILMYKKNRTPVWFFVKIAPIRNEQDKVVLFLCTFSDITAFKQPIEDDSCK
;
_entity_poly.pdbx_strand_id   A,B,C,D,E,F
#
# COMPACT_ATOMS: atom_id res chain seq x y z
N THR A 28 -8.64 -11.52 12.07
CA THR A 28 -7.29 -11.20 11.56
C THR A 28 -7.22 -9.75 11.10
N ASN A 29 -6.03 -9.30 10.74
CA ASN A 29 -5.83 -7.92 10.29
C ASN A 29 -5.38 -8.06 8.85
N PHE A 30 -6.14 -7.47 7.93
CA PHE A 30 -5.77 -7.58 6.54
C PHE A 30 -6.23 -6.46 5.64
N VAL A 31 -5.64 -6.43 4.46
CA VAL A 31 -5.98 -5.47 3.42
C VAL A 31 -6.04 -6.29 2.15
N LEU A 32 -6.71 -5.75 1.14
CA LEU A 32 -6.83 -6.42 -0.15
C LEU A 32 -6.26 -5.44 -1.16
N GLY A 33 -5.31 -5.91 -1.95
CA GLY A 33 -4.69 -5.06 -2.95
C GLY A 33 -5.11 -5.50 -4.36
N ASN A 34 -5.27 -4.54 -5.25
CA ASN A 34 -5.65 -4.85 -6.62
C ASN A 34 -4.41 -5.38 -7.33
N ALA A 35 -4.44 -6.65 -7.72
CA ALA A 35 -3.31 -7.30 -8.36
C ALA A 35 -3.01 -6.81 -9.77
N GLN A 36 -4.02 -6.25 -10.44
CA GLN A 36 -3.88 -5.78 -11.81
C GLN A 36 -3.51 -4.32 -11.99
N ILE A 37 -3.10 -3.66 -10.91
CA ILE A 37 -2.73 -2.26 -10.99
C ILE A 37 -1.37 -2.01 -10.35
N VAL A 38 -0.60 -1.11 -10.97
CA VAL A 38 0.73 -0.76 -10.49
C VAL A 38 0.75 -0.41 -9.01
N ASP A 39 1.72 -0.96 -8.28
CA ASP A 39 1.87 -0.73 -6.84
C ASP A 39 0.85 -1.49 -6.00
N TRP A 40 -0.03 -2.21 -6.68
CA TRP A 40 -1.05 -3.03 -6.02
C TRP A 40 -1.80 -2.25 -4.94
N PRO A 41 -2.51 -1.19 -5.35
CA PRO A 41 -3.28 -0.33 -4.45
C PRO A 41 -4.33 -1.05 -3.58
N ILE A 42 -4.40 -0.64 -2.33
CA ILE A 42 -5.37 -1.22 -1.39
C ILE A 42 -6.81 -0.85 -1.78
N VAL A 43 -7.68 -1.85 -1.89
CA VAL A 43 -9.07 -1.59 -2.24
C VAL A 43 -9.97 -1.79 -1.02
N TYR A 44 -9.43 -2.40 0.03
CA TYR A 44 -10.18 -2.67 1.25
C TYR A 44 -9.27 -3.05 2.41
N SER A 45 -9.60 -2.58 3.60
CA SER A 45 -8.85 -2.91 4.81
C SER A 45 -9.88 -3.16 5.90
N ASN A 46 -9.69 -4.20 6.71
CA ASN A 46 -10.66 -4.49 7.77
C ASN A 46 -10.34 -3.70 9.05
N ASP A 47 -11.27 -3.70 10.01
CA ASP A 47 -11.04 -2.94 11.22
C ASP A 47 -9.80 -3.40 11.99
N GLY A 48 -9.48 -4.68 11.87
CA GLY A 48 -8.31 -5.20 12.55
C GLY A 48 -7.04 -4.48 12.11
N PHE A 49 -6.88 -4.32 10.81
CA PHE A 49 -5.71 -3.65 10.26
C PHE A 49 -5.65 -2.20 10.70
N CYS A 50 -6.80 -1.52 10.65
CA CYS A 50 -6.86 -0.13 11.04
C CYS A 50 -6.45 0.07 12.50
N LYS A 51 -6.85 -0.85 13.38
CA LYS A 51 -6.50 -0.77 14.79
C LYS A 51 -5.02 -1.09 15.01
N LEU A 52 -4.51 -2.07 14.28
CA LEU A 52 -3.11 -2.47 14.40
C LEU A 52 -2.16 -1.42 13.84
N SER A 53 -2.45 -0.93 12.65
CA SER A 53 -1.60 0.06 11.97
C SER A 53 -1.77 1.48 12.50
N GLY A 54 -2.92 1.79 13.06
CA GLY A 54 -3.16 3.13 13.57
C GLY A 54 -3.72 4.05 12.50
N TYR A 55 -3.91 3.51 11.30
CA TYR A 55 -4.44 4.29 10.19
C TYR A 55 -5.93 4.05 9.97
N HIS A 56 -6.65 5.13 9.68
CA HIS A 56 -8.08 5.03 9.40
C HIS A 56 -8.19 4.32 8.04
N ARG A 57 -9.26 3.59 7.81
CA ARG A 57 -9.43 2.88 6.54
C ARG A 57 -9.32 3.82 5.33
N ALA A 58 -9.86 5.03 5.48
CA ALA A 58 -9.80 6.00 4.38
C ALA A 58 -8.37 6.47 4.11
N GLU A 59 -7.53 6.34 5.12
CA GLU A 59 -6.14 6.76 5.01
C GLU A 59 -5.20 5.74 4.36
N VAL A 60 -5.69 4.53 4.13
CA VAL A 60 -4.83 3.53 3.48
C VAL A 60 -5.38 3.16 2.12
N MET A 61 -6.57 3.65 1.80
CA MET A 61 -7.17 3.36 0.49
C MET A 61 -6.22 3.80 -0.61
N GLN A 62 -6.05 2.92 -1.60
CA GLN A 62 -5.17 3.15 -2.73
C GLN A 62 -3.70 3.29 -2.40
N LYS A 63 -3.34 3.04 -1.15
CA LYS A 63 -1.93 3.06 -0.74
C LYS A 63 -1.43 1.69 -1.16
N SER A 64 -0.12 1.53 -1.36
CA SER A 64 0.38 0.23 -1.79
C SER A 64 0.10 -0.88 -0.78
N SER A 65 -0.38 -2.01 -1.28
CA SER A 65 -0.69 -3.17 -0.45
C SER A 65 0.56 -3.75 0.22
N THR A 66 1.73 -3.35 -0.23
CA THR A 66 2.98 -3.81 0.36
C THR A 66 3.13 -3.09 1.70
N CYS A 67 2.30 -2.07 1.90
CA CYS A 67 2.33 -1.25 3.11
C CYS A 67 3.64 -0.50 3.28
N SER A 68 4.26 -0.16 2.15
CA SER A 68 5.52 0.58 2.16
C SER A 68 5.36 1.94 2.85
N PHE A 69 4.13 2.44 2.97
CA PHE A 69 3.93 3.73 3.62
C PHE A 69 4.21 3.63 5.11
N MET A 70 4.40 2.40 5.61
CA MET A 70 4.68 2.18 7.02
C MET A 70 6.14 1.82 7.28
N TYR A 71 6.94 1.72 6.21
CA TYR A 71 8.35 1.38 6.38
C TYR A 71 9.14 2.51 7.01
N GLY A 72 10.30 2.16 7.57
CA GLY A 72 11.18 3.14 8.18
C GLY A 72 12.59 2.90 7.69
N GLU A 73 13.51 3.78 8.04
CA GLU A 73 14.90 3.62 7.62
C GLU A 73 15.46 2.30 8.12
N LEU A 74 14.95 1.81 9.25
CA LEU A 74 15.44 0.56 9.83
C LEU A 74 14.84 -0.71 9.23
N THR A 75 13.83 -0.54 8.39
CA THR A 75 13.20 -1.69 7.74
C THR A 75 14.23 -2.33 6.82
N ASP A 76 14.33 -3.66 6.88
CA ASP A 76 15.31 -4.37 6.08
C ASP A 76 15.10 -4.20 4.58
N LYS A 77 16.07 -3.58 3.91
CA LYS A 77 15.99 -3.32 2.47
C LYS A 77 15.83 -4.60 1.64
N ASP A 78 16.47 -5.67 2.06
CA ASP A 78 16.38 -6.93 1.33
C ASP A 78 14.97 -7.51 1.41
N THR A 79 14.36 -7.40 2.59
CA THR A 79 13.01 -7.93 2.77
C THR A 79 12.03 -7.09 1.97
N ILE A 80 12.26 -5.78 1.92
CA ILE A 80 11.38 -4.90 1.17
C ILE A 80 11.35 -5.35 -0.29
N GLU A 81 12.50 -5.78 -0.80
CA GLU A 81 12.61 -6.25 -2.17
C GLU A 81 11.90 -7.58 -2.37
N LYS A 82 12.09 -8.50 -1.43
CA LYS A 82 11.45 -9.81 -1.52
C LYS A 82 9.94 -9.70 -1.48
N VAL A 83 9.43 -8.75 -0.70
CA VAL A 83 8.00 -8.55 -0.62
C VAL A 83 7.48 -8.11 -1.98
N ARG A 84 8.12 -7.10 -2.56
CA ARG A 84 7.71 -6.60 -3.87
C ARG A 84 7.75 -7.73 -4.90
N GLN A 85 8.79 -8.54 -4.86
CA GLN A 85 8.92 -9.64 -5.80
C GLN A 85 7.77 -10.64 -5.69
N THR A 86 7.26 -10.82 -4.48
CA THR A 86 6.14 -11.73 -4.25
C THR A 86 4.90 -11.21 -5.00
N PHE A 87 4.70 -9.90 -4.94
CA PHE A 87 3.59 -9.25 -5.63
C PHE A 87 3.83 -9.31 -7.14
N GLU A 88 5.04 -8.91 -7.54
CA GLU A 88 5.41 -8.89 -8.96
C GLU A 88 5.20 -10.25 -9.62
N ASN A 89 5.34 -11.32 -8.86
CA ASN A 89 5.18 -12.67 -9.40
C ASN A 89 3.89 -13.38 -9.02
N TYR A 90 2.93 -12.62 -8.49
CA TYR A 90 1.63 -13.16 -8.11
C TYR A 90 1.79 -14.47 -7.34
N GLU A 91 2.66 -14.45 -6.34
CA GLU A 91 2.92 -15.64 -5.53
C GLU A 91 2.47 -15.48 -4.08
N MET A 92 2.41 -16.61 -3.39
CA MET A 92 2.03 -16.64 -1.99
C MET A 92 3.33 -16.77 -1.20
N ASN A 93 3.49 -15.93 -0.18
CA ASN A 93 4.68 -15.99 0.66
C ASN A 93 4.45 -15.27 1.98
N SER A 94 5.37 -15.47 2.91
CA SER A 94 5.31 -14.86 4.24
C SER A 94 6.65 -14.20 4.53
N PHE A 95 6.64 -13.17 5.37
CA PHE A 95 7.86 -12.46 5.74
C PHE A 95 7.72 -11.88 7.14
N GLU A 96 8.86 -11.62 7.78
CA GLU A 96 8.86 -10.97 9.08
C GLU A 96 9.51 -9.64 8.70
N ILE A 97 8.88 -8.53 9.08
CA ILE A 97 9.40 -7.24 8.70
C ILE A 97 9.05 -6.14 9.70
N LEU A 98 9.93 -5.16 9.81
CA LEU A 98 9.71 -4.05 10.72
C LEU A 98 8.92 -2.94 10.05
N MET A 99 7.81 -2.51 10.65
CA MET A 99 7.02 -1.41 10.12
C MET A 99 6.59 -0.52 11.28
N TYR A 100 6.10 0.66 10.97
CA TYR A 100 5.69 1.59 12.01
C TYR A 100 4.23 1.98 11.97
N LYS A 101 3.61 2.04 13.15
CA LYS A 101 2.22 2.44 13.22
C LYS A 101 2.21 3.95 12.93
N LYS A 102 1.04 4.51 12.70
CA LYS A 102 0.92 5.93 12.40
C LYS A 102 1.59 6.81 13.45
N ASN A 103 1.44 6.46 14.72
CA ASN A 103 2.05 7.25 15.80
C ASN A 103 3.54 6.95 15.97
N ARG A 104 4.12 6.26 15.00
CA ARG A 104 5.55 5.92 14.98
C ARG A 104 6.00 4.79 15.90
N THR A 105 5.08 4.01 16.44
CA THR A 105 5.47 2.88 17.30
C THR A 105 6.05 1.77 16.39
N PRO A 106 7.25 1.27 16.72
CA PRO A 106 7.89 0.21 15.91
C PRO A 106 7.20 -1.11 16.21
N VAL A 107 6.98 -1.91 15.17
CA VAL A 107 6.34 -3.21 15.34
C VAL A 107 7.00 -4.26 14.45
N TRP A 108 7.27 -5.42 15.01
CA TRP A 108 7.85 -6.52 14.23
C TRP A 108 6.62 -7.27 13.74
N PHE A 109 6.40 -7.22 12.43
CA PHE A 109 5.25 -7.82 11.78
C PHE A 109 5.52 -9.12 11.05
N PHE A 110 4.51 -9.98 11.03
CA PHE A 110 4.58 -11.20 10.25
C PHE A 110 3.58 -10.79 9.16
N VAL A 111 3.98 -10.93 7.90
CA VAL A 111 3.10 -10.57 6.81
C VAL A 111 2.92 -11.75 5.87
N LYS A 112 1.67 -12.07 5.56
CA LYS A 112 1.35 -13.17 4.67
C LYS A 112 0.66 -12.60 3.43
N ILE A 113 1.23 -12.87 2.27
CA ILE A 113 0.68 -12.38 1.00
C ILE A 113 0.09 -13.57 0.25
N ALA A 114 -1.21 -13.48 -0.05
CA ALA A 114 -1.91 -14.57 -0.74
C ALA A 114 -2.75 -14.09 -1.91
N PRO A 115 -2.40 -14.53 -3.13
CA PRO A 115 -3.16 -14.13 -4.31
C PRO A 115 -4.56 -14.75 -4.38
N ILE A 116 -5.50 -14.01 -4.95
CA ILE A 116 -6.88 -14.44 -5.12
C ILE A 116 -7.15 -14.44 -6.63
N ARG A 117 -7.61 -15.56 -7.16
CA ARG A 117 -7.87 -15.70 -8.60
C ARG A 117 -9.35 -15.73 -8.99
N ASN A 118 -9.64 -15.35 -10.23
CA ASN A 118 -11.00 -15.35 -10.75
C ASN A 118 -11.28 -16.68 -11.47
N GLU A 119 -12.33 -16.70 -12.28
CA GLU A 119 -12.72 -17.91 -13.02
C GLU A 119 -11.61 -18.37 -13.97
N GLN A 120 -11.02 -17.42 -14.69
CA GLN A 120 -9.96 -17.73 -15.64
C GLN A 120 -8.65 -18.06 -14.92
N ASP A 121 -8.74 -18.23 -13.60
CA ASP A 121 -7.57 -18.55 -12.79
C ASP A 121 -6.53 -17.43 -12.83
N LYS A 122 -6.99 -16.21 -13.10
CA LYS A 122 -6.10 -15.05 -13.15
C LYS A 122 -6.13 -14.35 -11.80
N VAL A 123 -4.95 -13.96 -11.30
CA VAL A 123 -4.87 -13.27 -10.01
C VAL A 123 -5.47 -11.88 -10.13
N VAL A 124 -6.52 -11.63 -9.36
CA VAL A 124 -7.19 -10.34 -9.41
C VAL A 124 -6.93 -9.51 -8.15
N LEU A 125 -6.72 -10.20 -7.03
CA LEU A 125 -6.47 -9.52 -5.75
C LEU A 125 -5.38 -10.23 -4.95
N PHE A 126 -4.85 -9.50 -3.97
CA PHE A 126 -3.84 -10.00 -3.04
C PHE A 126 -4.45 -9.79 -1.65
N LEU A 127 -4.57 -10.86 -0.87
CA LEU A 127 -5.06 -10.76 0.49
C LEU A 127 -3.80 -10.68 1.33
N CYS A 128 -3.57 -9.54 1.98
CA CYS A 128 -2.36 -9.37 2.79
C CYS A 128 -2.74 -9.30 4.26
N THR A 129 -2.26 -10.28 5.02
CA THR A 129 -2.56 -10.39 6.45
C THR A 129 -1.35 -10.03 7.31
N PHE A 130 -1.62 -9.21 8.32
CA PHE A 130 -0.59 -8.71 9.21
C PHE A 130 -0.80 -9.09 10.66
N SER A 131 0.29 -9.47 11.32
CA SER A 131 0.22 -9.84 12.72
C SER A 131 1.42 -9.25 13.45
N ASP A 132 1.18 -8.76 14.66
CA ASP A 132 2.23 -8.19 15.50
C ASP A 132 2.92 -9.34 16.19
N ILE A 133 4.16 -9.62 15.84
CA ILE A 133 4.89 -10.72 16.49
C ILE A 133 6.07 -10.20 17.31
N THR A 134 5.92 -8.99 17.86
CA THR A 134 6.97 -8.40 18.69
C THR A 134 6.93 -9.10 20.05
N ALA A 135 8.08 -9.52 20.55
CA ALA A 135 8.10 -10.19 21.85
C ALA A 135 7.69 -9.20 22.95
N PHE A 136 7.10 -9.70 24.03
CA PHE A 136 6.68 -8.83 25.13
C PHE A 136 7.91 -8.37 25.93
N THR B 28 -27.69 15.20 -3.78
CA THR B 28 -26.24 15.03 -3.96
C THR B 28 -25.50 16.10 -3.15
N ASN B 29 -24.17 16.05 -3.19
CA ASN B 29 -23.34 17.01 -2.45
C ASN B 29 -22.41 17.70 -3.44
N PHE B 30 -22.58 18.99 -3.64
CA PHE B 30 -21.75 19.68 -4.62
C PHE B 30 -21.44 21.14 -4.32
N VAL B 31 -20.47 21.65 -5.07
CA VAL B 31 -20.08 23.04 -4.99
C VAL B 31 -19.90 23.47 -6.44
N LEU B 32 -19.97 24.77 -6.70
CA LEU B 32 -19.78 25.28 -8.03
C LEU B 32 -18.60 26.21 -7.95
N GLY B 33 -17.65 26.04 -8.86
CA GLY B 33 -16.48 26.87 -8.85
C GLY B 33 -16.39 27.75 -10.07
N ASN B 34 -15.83 28.94 -9.91
CA ASN B 34 -15.69 29.86 -11.03
C ASN B 34 -14.56 29.34 -11.90
N ALA B 35 -14.90 28.91 -13.12
CA ALA B 35 -13.92 28.37 -14.04
C ALA B 35 -12.91 29.38 -14.59
N GLN B 36 -13.28 30.66 -14.59
CA GLN B 36 -12.40 31.68 -15.14
C GLN B 36 -11.64 32.51 -14.11
N ILE B 37 -11.40 31.94 -12.94
CA ILE B 37 -10.68 32.64 -11.89
C ILE B 37 -9.66 31.71 -11.25
N VAL B 38 -8.48 32.24 -10.95
CA VAL B 38 -7.40 31.46 -10.34
C VAL B 38 -7.89 30.64 -9.14
N ASP B 39 -7.52 29.36 -9.13
CA ASP B 39 -7.89 28.44 -8.07
C ASP B 39 -9.36 28.02 -8.10
N TRP B 40 -10.09 28.54 -9.07
CA TRP B 40 -11.49 28.17 -9.24
C TRP B 40 -12.29 28.30 -7.94
N PRO B 41 -12.41 29.52 -7.41
CA PRO B 41 -13.13 29.77 -6.17
C PRO B 41 -14.59 29.28 -6.19
N ILE B 42 -15.02 28.72 -5.07
CA ILE B 42 -16.38 28.23 -4.94
C ILE B 42 -17.31 29.44 -4.88
N VAL B 43 -18.39 29.40 -5.65
CA VAL B 43 -19.35 30.51 -5.64
C VAL B 43 -20.66 30.08 -5.02
N TYR B 44 -20.78 28.77 -4.79
CA TYR B 44 -21.97 28.19 -4.20
C TYR B 44 -21.68 26.77 -3.72
N SER B 45 -22.39 26.35 -2.68
CA SER B 45 -22.26 24.99 -2.15
C SER B 45 -23.62 24.64 -1.56
N ASN B 46 -24.09 23.42 -1.82
CA ASN B 46 -25.40 23.03 -1.32
C ASN B 46 -25.30 22.45 0.09
N ASP B 47 -26.46 22.24 0.70
CA ASP B 47 -26.53 21.70 2.06
C ASP B 47 -25.90 20.31 2.18
N GLY B 48 -25.98 19.53 1.11
CA GLY B 48 -25.40 18.21 1.13
C GLY B 48 -23.90 18.28 1.39
N PHE B 49 -23.23 19.19 0.70
CA PHE B 49 -21.79 19.37 0.86
C PHE B 49 -21.43 19.84 2.26
N CYS B 50 -22.24 20.73 2.81
CA CYS B 50 -21.98 21.24 4.14
C CYS B 50 -22.11 20.10 5.16
N LYS B 51 -23.14 19.27 4.99
CA LYS B 51 -23.34 18.14 5.91
C LYS B 51 -22.22 17.10 5.78
N LEU B 52 -21.82 16.81 4.55
CA LEU B 52 -20.78 15.83 4.30
C LEU B 52 -19.38 16.33 4.68
N SER B 53 -19.07 17.58 4.33
CA SER B 53 -17.75 18.14 4.63
C SER B 53 -17.61 18.66 6.06
N GLY B 54 -18.72 19.08 6.66
CA GLY B 54 -18.67 19.62 8.01
C GLY B 54 -18.41 21.13 7.97
N TYR B 55 -18.26 21.67 6.76
CA TYR B 55 -18.02 23.09 6.56
C TYR B 55 -19.30 23.84 6.20
N HIS B 56 -19.56 24.93 6.91
CA HIS B 56 -20.73 25.78 6.67
C HIS B 56 -20.52 26.47 5.31
N ARG B 57 -21.61 26.74 4.58
CA ARG B 57 -21.48 27.37 3.28
C ARG B 57 -20.64 28.66 3.27
N ALA B 58 -20.71 29.44 4.35
CA ALA B 58 -19.95 30.68 4.42
C ALA B 58 -18.45 30.38 4.56
N GLU B 59 -18.14 29.25 5.17
CA GLU B 59 -16.76 28.83 5.41
C GLU B 59 -16.12 28.26 4.14
N VAL B 60 -16.94 27.99 3.14
CA VAL B 60 -16.48 27.43 1.89
C VAL B 60 -16.39 28.46 0.77
N MET B 61 -17.16 29.54 0.89
CA MET B 61 -17.15 30.60 -0.13
C MET B 61 -15.75 31.08 -0.48
N GLN B 62 -15.49 31.17 -1.78
CA GLN B 62 -14.21 31.62 -2.33
C GLN B 62 -13.00 30.74 -2.08
N LYS B 63 -13.21 29.58 -1.45
CA LYS B 63 -12.12 28.64 -1.22
C LYS B 63 -11.97 27.89 -2.54
N SER B 64 -10.84 27.21 -2.76
CA SER B 64 -10.65 26.50 -4.01
C SER B 64 -11.68 25.39 -4.23
N SER B 65 -12.23 25.37 -5.45
CA SER B 65 -13.23 24.38 -5.83
C SER B 65 -12.65 22.97 -5.82
N THR B 66 -11.32 22.88 -5.78
CA THR B 66 -10.62 21.60 -5.75
C THR B 66 -10.71 21.03 -4.32
N CYS B 67 -11.16 21.87 -3.39
CA CYS B 67 -11.31 21.51 -2.00
C CYS B 67 -9.98 21.13 -1.35
N SER B 68 -8.91 21.73 -1.83
CA SER B 68 -7.58 21.48 -1.29
C SER B 68 -7.49 21.85 0.18
N PHE B 69 -8.41 22.69 0.65
CA PHE B 69 -8.38 23.08 2.05
C PHE B 69 -8.75 21.91 2.95
N MET B 70 -9.19 20.81 2.33
CA MET B 70 -9.57 19.61 3.06
C MET B 70 -8.53 18.48 2.91
N TYR B 71 -7.49 18.71 2.12
CA TYR B 71 -6.46 17.70 1.93
C TYR B 71 -5.62 17.53 3.20
N GLY B 72 -4.95 16.39 3.30
CA GLY B 72 -4.08 16.10 4.43
C GLY B 72 -2.75 15.59 3.90
N GLU B 73 -1.78 15.37 4.77
CA GLU B 73 -0.47 14.87 4.33
C GLU B 73 -0.59 13.52 3.63
N LEU B 74 -1.56 12.72 4.06
CA LEU B 74 -1.77 11.39 3.49
C LEU B 74 -2.51 11.41 2.15
N THR B 75 -3.01 12.57 1.75
CA THR B 75 -3.70 12.69 0.47
C THR B 75 -2.68 12.44 -0.65
N ASP B 76 -3.06 11.65 -1.64
CA ASP B 76 -2.18 11.30 -2.76
C ASP B 76 -1.80 12.51 -3.61
N LYS B 77 -0.51 12.83 -3.59
CA LYS B 77 0.00 13.99 -4.34
C LYS B 77 -0.26 13.90 -5.84
N ASP B 78 -0.21 12.68 -6.38
CA ASP B 78 -0.42 12.49 -7.80
C ASP B 78 -1.88 12.76 -8.17
N THR B 79 -2.80 12.36 -7.31
CA THR B 79 -4.22 12.58 -7.55
C THR B 79 -4.51 14.09 -7.44
N ILE B 80 -3.84 14.73 -6.49
CA ILE B 80 -4.00 16.17 -6.28
C ILE B 80 -3.65 16.89 -7.58
N GLU B 81 -2.56 16.44 -8.20
CA GLU B 81 -2.10 17.02 -9.45
C GLU B 81 -3.09 16.75 -10.59
N LYS B 82 -3.62 15.53 -10.64
CA LYS B 82 -4.59 15.15 -11.67
C LYS B 82 -5.89 15.97 -11.57
N VAL B 83 -6.35 16.20 -10.34
CA VAL B 83 -7.56 16.98 -10.10
C VAL B 83 -7.31 18.39 -10.65
N ARG B 84 -6.17 18.96 -10.26
CA ARG B 84 -5.75 20.28 -10.67
C ARG B 84 -5.79 20.42 -12.20
N GLN B 85 -5.12 19.49 -12.88
CA GLN B 85 -5.07 19.50 -14.34
C GLN B 85 -6.45 19.41 -15.00
N THR B 86 -7.39 18.71 -14.37
CA THR B 86 -8.72 18.59 -14.93
C THR B 86 -9.35 19.98 -14.99
N PHE B 87 -9.10 20.79 -13.97
CA PHE B 87 -9.62 22.15 -13.92
C PHE B 87 -8.87 22.99 -14.96
N GLU B 88 -7.54 22.89 -14.92
CA GLU B 88 -6.66 23.62 -15.82
C GLU B 88 -7.01 23.39 -17.28
N ASN B 89 -7.41 22.17 -17.63
CA ASN B 89 -7.75 21.85 -19.01
C ASN B 89 -9.25 21.80 -19.28
N TYR B 90 -10.04 22.34 -18.35
CA TYR B 90 -11.50 22.38 -18.50
C TYR B 90 -12.10 21.05 -18.94
N GLU B 91 -11.68 19.96 -18.30
CA GLU B 91 -12.18 18.64 -18.64
C GLU B 91 -13.16 18.11 -17.61
N MET B 92 -13.85 17.04 -17.98
CA MET B 92 -14.79 16.38 -17.08
C MET B 92 -14.04 15.12 -16.65
N ASN B 93 -13.97 14.88 -15.35
CA ASN B 93 -13.26 13.71 -14.84
C ASN B 93 -13.70 13.34 -13.43
N SER B 94 -13.39 12.12 -13.03
CA SER B 94 -13.73 11.61 -11.71
C SER B 94 -12.47 11.07 -11.03
N PHE B 95 -12.44 11.17 -9.71
CA PHE B 95 -11.29 10.71 -8.95
C PHE B 95 -11.73 10.19 -7.59
N GLU B 96 -10.88 9.35 -7.00
CA GLU B 96 -11.14 8.85 -5.66
C GLU B 96 -10.00 9.53 -4.91
N ILE B 97 -10.32 10.19 -3.80
CA ILE B 97 -9.29 10.91 -3.08
C ILE B 97 -9.59 11.04 -1.60
N LEU B 98 -8.53 11.10 -0.81
CA LEU B 98 -8.66 11.22 0.64
C LEU B 98 -8.74 12.69 1.03
N MET B 99 -9.78 13.04 1.78
CA MET B 99 -9.93 14.41 2.26
C MET B 99 -10.44 14.34 3.69
N TYR B 100 -10.32 15.46 4.41
CA TYR B 100 -10.75 15.49 5.80
C TYR B 100 -11.86 16.48 6.09
N LYS B 101 -12.82 16.05 6.89
CA LYS B 101 -13.93 16.92 7.26
C LYS B 101 -13.33 17.96 8.19
N LYS B 102 -14.05 19.06 8.37
CA LYS B 102 -13.60 20.13 9.23
C LYS B 102 -13.16 19.61 10.61
N ASN B 103 -13.89 18.64 11.14
CA ASN B 103 -13.55 18.08 12.45
C ASN B 103 -12.40 17.06 12.39
N ARG B 104 -11.76 16.96 11.23
CA ARG B 104 -10.62 16.05 11.01
C ARG B 104 -10.92 14.58 10.75
N THR B 105 -12.19 14.24 10.53
CA THR B 105 -12.55 12.85 10.24
C THR B 105 -12.09 12.54 8.81
N PRO B 106 -11.31 11.47 8.63
CA PRO B 106 -10.83 11.10 7.29
C PRO B 106 -11.98 10.50 6.48
N VAL B 107 -12.02 10.82 5.19
CA VAL B 107 -13.07 10.28 4.33
C VAL B 107 -12.50 9.94 2.96
N TRP B 108 -12.92 8.80 2.40
CA TRP B 108 -12.46 8.43 1.07
C TRP B 108 -13.56 8.98 0.14
N PHE B 109 -13.22 10.00 -0.64
CA PHE B 109 -14.17 10.66 -1.53
C PHE B 109 -14.11 10.24 -2.99
N PHE B 110 -15.28 10.27 -3.63
CA PHE B 110 -15.40 10.02 -5.06
C PHE B 110 -15.76 11.44 -5.51
N VAL B 111 -14.93 12.03 -6.35
CA VAL B 111 -15.18 13.39 -6.82
C VAL B 111 -15.35 13.43 -8.33
N LYS B 112 -16.38 14.14 -8.77
CA LYS B 112 -16.65 14.28 -10.19
C LYS B 112 -16.63 15.76 -10.54
N ILE B 113 -15.77 16.11 -11.49
CA ILE B 113 -15.64 17.49 -11.94
C ILE B 113 -16.29 17.60 -13.32
N ALA B 114 -17.30 18.46 -13.43
CA ALA B 114 -18.01 18.63 -14.70
C ALA B 114 -18.20 20.10 -15.04
N PRO B 115 -17.54 20.56 -16.12
CA PRO B 115 -17.66 21.96 -16.51
C PRO B 115 -19.05 22.32 -17.02
N ILE B 116 -19.42 23.59 -16.83
CA ILE B 116 -20.70 24.11 -17.28
C ILE B 116 -20.32 25.26 -18.22
N ARG B 117 -20.91 25.28 -19.41
CA ARG B 117 -20.60 26.30 -20.40
C ARG B 117 -21.76 27.27 -20.65
N ASN B 118 -21.46 28.37 -21.33
CA ASN B 118 -22.47 29.37 -21.66
C ASN B 118 -22.96 29.14 -23.09
N GLU B 119 -23.67 30.11 -23.65
CA GLU B 119 -24.19 29.99 -25.02
C GLU B 119 -23.08 29.93 -26.07
N GLN B 120 -21.92 30.50 -25.73
CA GLN B 120 -20.77 30.51 -26.64
C GLN B 120 -19.95 29.24 -26.48
N ASP B 121 -20.46 28.29 -25.70
CA ASP B 121 -19.79 27.02 -25.44
C ASP B 121 -18.52 27.21 -24.61
N LYS B 122 -18.43 28.36 -23.94
CA LYS B 122 -17.27 28.65 -23.09
C LYS B 122 -17.56 28.15 -21.68
N VAL B 123 -16.54 27.61 -21.02
CA VAL B 123 -16.70 27.09 -19.66
C VAL B 123 -16.70 28.23 -18.63
N VAL B 124 -17.81 28.39 -17.91
CA VAL B 124 -17.92 29.45 -16.91
C VAL B 124 -17.92 28.92 -15.48
N LEU B 125 -18.39 27.69 -15.29
CA LEU B 125 -18.42 27.09 -13.95
C LEU B 125 -18.03 25.61 -13.96
N PHE B 126 -17.67 25.11 -12.78
CA PHE B 126 -17.33 23.70 -12.60
C PHE B 126 -18.26 23.15 -11.53
N LEU B 127 -19.05 22.15 -11.89
CA LEU B 127 -19.93 21.50 -10.94
C LEU B 127 -19.09 20.37 -10.36
N CYS B 128 -18.79 20.46 -9.07
CA CYS B 128 -17.97 19.44 -8.43
C CYS B 128 -18.85 18.71 -7.42
N THR B 129 -19.06 17.43 -7.68
CA THR B 129 -19.91 16.59 -6.85
C THR B 129 -19.07 15.61 -6.03
N PHE B 130 -19.39 15.52 -4.75
CA PHE B 130 -18.66 14.69 -3.82
C PHE B 130 -19.51 13.61 -3.18
N SER B 131 -18.96 12.41 -3.07
CA SER B 131 -19.67 11.30 -2.45
C SER B 131 -18.72 10.57 -1.51
N ASP B 132 -19.21 10.23 -0.33
CA ASP B 132 -18.42 9.51 0.65
C ASP B 132 -18.47 8.05 0.19
N ILE B 133 -17.32 7.48 -0.16
CA ILE B 133 -17.29 6.09 -0.59
C ILE B 133 -16.43 5.23 0.33
N THR B 134 -16.31 5.66 1.57
CA THR B 134 -15.53 4.93 2.56
C THR B 134 -16.35 3.68 2.92
N ALA B 135 -15.70 2.52 2.88
CA ALA B 135 -16.39 1.28 3.19
C ALA B 135 -16.93 1.28 4.62
N ASN C 26 17.05 -10.10 33.43
CA ASN C 26 18.53 -10.29 33.42
C ASN C 26 19.27 -9.06 33.95
N ASP C 27 20.43 -9.30 34.55
CA ASP C 27 21.22 -8.22 35.12
C ASP C 27 22.19 -7.56 34.13
N THR C 28 22.16 -7.98 32.87
CA THR C 28 23.02 -7.36 31.86
C THR C 28 22.29 -7.06 30.55
N ASN C 29 23.06 -6.64 29.55
CA ASN C 29 22.51 -6.25 28.26
C ASN C 29 22.99 -7.21 27.19
N PHE C 30 22.05 -7.91 26.54
CA PHE C 30 22.45 -8.87 25.52
C PHE C 30 21.45 -9.10 24.40
N VAL C 31 21.95 -9.70 23.32
CA VAL C 31 21.12 -10.08 22.19
C VAL C 31 21.54 -11.50 21.90
N LEU C 32 20.67 -12.25 21.22
CA LEU C 32 20.96 -13.63 20.84
C LEU C 32 20.82 -13.71 19.34
N GLY C 33 21.87 -14.19 18.68
CA GLY C 33 21.84 -14.32 17.23
C GLY C 33 21.86 -15.76 16.78
N ASN C 34 21.17 -16.04 15.68
CA ASN C 34 21.13 -17.40 15.14
C ASN C 34 22.46 -17.68 14.45
N ALA C 35 23.23 -18.62 15.01
CA ALA C 35 24.54 -18.96 14.46
C ALA C 35 24.48 -19.78 13.18
N GLN C 36 23.28 -20.17 12.77
CA GLN C 36 23.14 -20.99 11.57
C GLN C 36 22.62 -20.27 10.35
N ILE C 37 22.46 -18.95 10.45
CA ILE C 37 21.96 -18.16 9.33
C ILE C 37 22.96 -17.07 8.98
N VAL C 38 23.09 -16.81 7.68
CA VAL C 38 24.01 -15.79 7.20
C VAL C 38 23.83 -14.47 7.94
N ASP C 39 24.94 -13.87 8.35
CA ASP C 39 24.95 -12.60 9.07
C ASP C 39 24.53 -12.72 10.53
N TRP C 40 24.22 -13.94 10.96
CA TRP C 40 23.87 -14.19 12.35
C TRP C 40 22.78 -13.25 12.88
N PRO C 41 21.59 -13.31 12.26
CA PRO C 41 20.45 -12.47 12.65
C PRO C 41 20.00 -12.57 14.10
N ILE C 42 19.70 -11.41 14.69
CA ILE C 42 19.22 -11.36 16.07
C ILE C 42 17.82 -11.95 16.16
N VAL C 43 17.63 -12.90 17.08
CA VAL C 43 16.32 -13.52 17.29
C VAL C 43 15.69 -13.05 18.60
N TYR C 44 16.49 -12.39 19.43
CA TYR C 44 16.02 -11.88 20.71
C TYR C 44 17.00 -10.86 21.30
N SER C 45 16.46 -9.82 21.94
CA SER C 45 17.27 -8.79 22.59
C SER C 45 16.54 -8.51 23.89
N ASN C 46 17.26 -8.42 25.00
CA ASN C 46 16.59 -8.16 26.27
C ASN C 46 16.40 -6.66 26.48
N ASP C 47 15.61 -6.31 27.50
CA ASP C 47 15.32 -4.90 27.75
C ASP C 47 16.59 -4.10 28.08
N GLY C 48 17.55 -4.76 28.71
CA GLY C 48 18.79 -4.08 29.03
C GLY C 48 19.46 -3.56 27.76
N PHE C 49 19.52 -4.41 26.74
CA PHE C 49 20.14 -4.01 25.47
C PHE C 49 19.35 -2.88 24.81
N CYS C 50 18.03 -3.00 24.81
CA CYS C 50 17.19 -1.99 24.18
C CYS C 50 17.35 -0.62 24.84
N LYS C 51 17.49 -0.61 26.16
CA LYS C 51 17.67 0.64 26.91
C LYS C 51 19.07 1.23 26.64
N LEU C 52 20.08 0.37 26.67
CA LEU C 52 21.45 0.82 26.44
C LEU C 52 21.66 1.34 25.03
N SER C 53 21.18 0.60 24.03
CA SER C 53 21.35 0.97 22.62
C SER C 53 20.38 2.05 22.14
N GLY C 54 19.26 2.20 22.82
CA GLY C 54 18.27 3.18 22.40
C GLY C 54 17.30 2.63 21.36
N TYR C 55 17.54 1.39 20.92
CA TYR C 55 16.68 0.77 19.92
C TYR C 55 15.56 -0.06 20.52
N HIS C 56 14.38 0.05 19.92
CA HIS C 56 13.21 -0.71 20.33
C HIS C 56 13.53 -2.15 19.94
N ARG C 57 13.02 -3.12 20.69
CA ARG C 57 13.29 -4.52 20.38
C ARG C 57 12.88 -4.90 18.94
N ALA C 58 11.85 -4.26 18.40
CA ALA C 58 11.42 -4.56 17.04
C ALA C 58 12.40 -4.03 16.00
N GLU C 59 13.14 -2.98 16.38
CA GLU C 59 14.11 -2.37 15.46
C GLU C 59 15.44 -3.12 15.42
N VAL C 60 15.60 -4.07 16.36
CA VAL C 60 16.81 -4.88 16.48
C VAL C 60 16.60 -6.26 15.84
N MET C 61 15.35 -6.70 15.80
CA MET C 61 15.04 -8.01 15.24
C MET C 61 15.67 -8.22 13.88
N GLN C 62 16.33 -9.36 13.73
CA GLN C 62 16.96 -9.77 12.49
C GLN C 62 18.14 -8.93 12.01
N LYS C 63 18.60 -8.00 12.83
CA LYS C 63 19.76 -7.20 12.46
C LYS C 63 20.93 -8.14 12.75
N SER C 64 22.07 -7.91 12.11
CA SER C 64 23.22 -8.79 12.36
C SER C 64 23.68 -8.70 13.81
N SER C 65 23.99 -9.85 14.41
CA SER C 65 24.43 -9.90 15.80
C SER C 65 25.73 -9.12 16.02
N THR C 66 26.39 -8.73 14.93
CA THR C 66 27.62 -7.96 15.02
C THR C 66 27.24 -6.54 15.42
N CYS C 67 25.95 -6.25 15.34
CA CYS C 67 25.42 -4.93 15.66
C CYS C 67 26.04 -3.88 14.75
N SER C 68 26.36 -4.32 13.53
CA SER C 68 26.95 -3.41 12.54
C SER C 68 26.00 -2.24 12.26
N PHE C 69 24.72 -2.41 12.56
CA PHE C 69 23.78 -1.32 12.31
C PHE C 69 24.03 -0.14 13.26
N MET C 70 24.89 -0.36 14.24
CA MET C 70 25.21 0.71 15.19
C MET C 70 26.59 1.34 14.94
N TYR C 71 27.30 0.84 13.94
CA TYR C 71 28.64 1.37 13.64
C TYR C 71 28.60 2.74 12.99
N GLY C 72 29.72 3.45 13.09
CA GLY C 72 29.83 4.77 12.48
C GLY C 72 31.12 4.81 11.70
N GLU C 73 31.34 5.88 10.94
CA GLU C 73 32.56 6.01 10.15
C GLU C 73 33.78 5.97 11.07
N LEU C 74 33.62 6.47 12.29
CA LEU C 74 34.73 6.51 13.25
C LEU C 74 35.02 5.18 13.95
N THR C 75 34.14 4.20 13.75
CA THR C 75 34.33 2.88 14.36
C THR C 75 35.56 2.24 13.72
N ASP C 76 36.46 1.73 14.56
CA ASP C 76 37.69 1.10 14.08
C ASP C 76 37.45 -0.05 13.10
N LYS C 77 37.84 0.14 11.84
CA LYS C 77 37.64 -0.89 10.82
C LYS C 77 38.34 -2.21 11.14
N ASP C 78 39.47 -2.13 11.84
CA ASP C 78 40.19 -3.34 12.21
C ASP C 78 39.36 -4.13 13.22
N THR C 79 38.75 -3.41 14.16
CA THR C 79 37.93 -4.06 15.18
C THR C 79 36.69 -4.67 14.54
N ILE C 80 36.11 -3.95 13.59
CA ILE C 80 34.94 -4.45 12.87
C ILE C 80 35.29 -5.81 12.27
N GLU C 81 36.44 -5.87 11.61
CA GLU C 81 36.89 -7.11 11.00
C GLU C 81 37.08 -8.21 12.03
N LYS C 82 37.69 -7.88 13.17
CA LYS C 82 37.92 -8.88 14.22
C LYS C 82 36.59 -9.41 14.76
N VAL C 83 35.63 -8.52 14.95
CA VAL C 83 34.32 -8.94 15.47
C VAL C 83 33.71 -9.96 14.51
N ARG C 84 33.69 -9.62 13.22
CA ARG C 84 33.11 -10.51 12.23
C ARG C 84 33.82 -11.87 12.24
N GLN C 85 35.14 -11.83 12.29
CA GLN C 85 35.92 -13.07 12.31
C GLN C 85 35.57 -13.98 13.48
N THR C 86 35.25 -13.39 14.63
CA THR C 86 34.90 -14.20 15.79
C THR C 86 33.66 -15.03 15.51
N PHE C 87 32.69 -14.44 14.81
CA PHE C 87 31.45 -15.12 14.46
C PHE C 87 31.75 -16.18 13.39
N GLU C 88 32.56 -15.80 12.40
CA GLU C 88 32.92 -16.72 11.33
C GLU C 88 33.65 -17.93 11.89
N ASN C 89 34.49 -17.71 12.90
CA ASN C 89 35.26 -18.79 13.50
C ASN C 89 34.61 -19.44 14.72
N TYR C 90 33.39 -19.01 15.05
CA TYR C 90 32.68 -19.58 16.20
C TYR C 90 33.51 -19.49 17.47
N GLU C 91 34.17 -18.36 17.67
CA GLU C 91 35.02 -18.17 18.84
C GLU C 91 34.40 -17.25 19.89
N MET C 92 34.99 -17.26 21.07
CA MET C 92 34.55 -16.43 22.18
C MET C 92 35.60 -15.34 22.38
N ASN C 93 35.26 -14.11 22.00
CA ASN C 93 36.17 -12.98 22.14
C ASN C 93 35.47 -11.78 22.74
N SER C 94 36.27 -10.80 23.16
CA SER C 94 35.76 -9.57 23.74
C SER C 94 36.45 -8.43 23.02
N PHE C 95 35.75 -7.32 22.86
CA PHE C 95 36.31 -6.16 22.17
C PHE C 95 35.79 -4.86 22.76
N GLU C 96 36.56 -3.81 22.52
CA GLU C 96 36.17 -2.47 22.95
C GLU C 96 35.93 -1.85 21.58
N ILE C 97 34.75 -1.29 21.39
CA ILE C 97 34.42 -0.75 20.10
C ILE C 97 33.44 0.41 20.21
N LEU C 98 33.60 1.40 19.32
CA LEU C 98 32.74 2.56 19.29
C LEU C 98 31.48 2.22 18.51
N MET C 99 30.33 2.51 19.10
CA MET C 99 29.06 2.27 18.42
C MET C 99 28.16 3.43 18.80
N TYR C 100 27.07 3.60 18.06
CA TYR C 100 26.17 4.72 18.34
C TYR C 100 24.78 4.28 18.72
N LYS C 101 24.23 4.95 19.72
CA LYS C 101 22.86 4.68 20.17
C LYS C 101 21.96 5.19 19.05
N LYS C 102 20.69 4.81 19.09
CA LYS C 102 19.76 5.25 18.06
C LYS C 102 19.75 6.77 17.92
N ASN C 103 19.79 7.49 19.03
CA ASN C 103 19.79 8.96 18.99
C ASN C 103 21.15 9.55 18.61
N ARG C 104 22.04 8.71 18.08
CA ARG C 104 23.37 9.10 17.63
C ARG C 104 24.42 9.38 18.72
N THR C 105 24.09 9.09 19.97
CA THR C 105 25.04 9.28 21.06
C THR C 105 26.18 8.27 20.89
N PRO C 106 27.43 8.75 20.87
CA PRO C 106 28.61 7.87 20.72
C PRO C 106 28.86 7.15 22.04
N VAL C 107 29.19 5.87 21.96
CA VAL C 107 29.45 5.11 23.18
C VAL C 107 30.62 4.18 22.97
N TRP C 108 31.48 4.08 23.98
CA TRP C 108 32.63 3.18 23.93
C TRP C 108 32.14 1.90 24.61
N PHE C 109 31.92 0.87 23.80
CA PHE C 109 31.40 -0.41 24.26
C PHE C 109 32.41 -1.50 24.51
N PHE C 110 32.10 -2.34 25.49
CA PHE C 110 32.88 -3.51 25.78
C PHE C 110 31.91 -4.58 25.31
N VAL C 111 32.29 -5.34 24.29
CA VAL C 111 31.42 -6.37 23.75
C VAL C 111 31.97 -7.77 23.96
N LYS C 112 31.13 -8.66 24.48
CA LYS C 112 31.52 -10.04 24.71
C LYS C 112 30.69 -10.94 23.80
N ILE C 113 31.38 -11.71 22.94
CA ILE C 113 30.73 -12.63 22.02
C ILE C 113 30.96 -14.06 22.50
N ALA C 114 29.86 -14.78 22.80
CA ALA C 114 29.97 -16.14 23.29
C ALA C 114 29.10 -17.15 22.53
N PRO C 115 29.73 -18.09 21.80
CA PRO C 115 28.92 -19.07 21.08
C PRO C 115 28.22 -20.01 22.04
N ILE C 116 27.00 -20.42 21.69
CA ILE C 116 26.22 -21.35 22.50
C ILE C 116 26.08 -22.64 21.71
N ARG C 117 26.46 -23.75 22.31
CA ARG C 117 26.41 -25.06 21.63
C ARG C 117 25.33 -25.97 22.18
N ASN C 118 24.94 -26.97 21.40
CA ASN C 118 23.94 -27.93 21.81
C ASN C 118 24.61 -29.21 22.31
N GLU C 119 23.89 -30.32 22.24
CA GLU C 119 24.39 -31.63 22.68
C GLU C 119 25.69 -32.01 21.99
N GLN C 120 25.65 -32.08 20.66
CA GLN C 120 26.82 -32.45 19.88
C GLN C 120 27.81 -31.31 19.64
N ASP C 121 28.02 -30.50 20.67
CA ASP C 121 28.95 -29.37 20.60
C ASP C 121 28.81 -28.52 19.34
N LYS C 122 27.59 -28.41 18.82
CA LYS C 122 27.34 -27.60 17.64
C LYS C 122 26.86 -26.21 18.06
N VAL C 123 27.47 -25.17 17.51
CA VAL C 123 27.08 -23.80 17.83
C VAL C 123 25.79 -23.45 17.11
N VAL C 124 24.74 -23.21 17.88
CA VAL C 124 23.44 -22.88 17.30
C VAL C 124 23.04 -21.42 17.55
N LEU C 125 23.64 -20.81 18.56
CA LEU C 125 23.35 -19.41 18.88
C LEU C 125 24.57 -18.67 19.36
N PHE C 126 24.51 -17.35 19.29
CA PHE C 126 25.59 -16.48 19.73
C PHE C 126 25.01 -15.54 20.79
N LEU C 127 25.58 -15.55 21.99
CA LEU C 127 25.14 -14.66 23.04
C LEU C 127 26.11 -13.49 23.06
N CYS C 128 25.63 -12.32 22.66
CA CYS C 128 26.47 -11.13 22.62
C CYS C 128 26.05 -10.17 23.73
N THR C 129 26.98 -9.91 24.64
CA THR C 129 26.75 -9.05 25.79
C THR C 129 27.48 -7.73 25.65
N PHE C 130 26.78 -6.65 26.00
CA PHE C 130 27.31 -5.29 25.87
C PHE C 130 27.33 -4.51 27.17
N SER C 131 28.37 -3.70 27.33
CA SER C 131 28.55 -2.86 28.51
C SER C 131 29.10 -1.49 28.09
N ASP C 132 28.55 -0.42 28.66
CA ASP C 132 29.01 0.93 28.35
C ASP C 132 30.20 1.25 29.24
N ILE C 133 31.39 1.30 28.67
CA ILE C 133 32.59 1.59 29.45
C ILE C 133 33.20 2.96 29.12
N THR C 134 32.37 3.87 28.63
CA THR C 134 32.83 5.22 28.32
C THR C 134 33.20 5.87 29.65
N ALA C 135 34.38 6.49 29.71
CA ALA C 135 34.80 7.12 30.96
C ALA C 135 33.75 8.14 31.39
N THR D 28 -10.77 -7.86 -15.61
CA THR D 28 -12.01 -8.52 -15.09
C THR D 28 -12.94 -7.46 -14.50
N ASN D 29 -14.21 -7.82 -14.30
CA ASN D 29 -15.19 -6.88 -13.76
C ASN D 29 -15.71 -7.48 -12.46
N PHE D 30 -15.56 -6.75 -11.35
CA PHE D 30 -15.99 -7.31 -10.07
C PHE D 30 -16.34 -6.30 -9.00
N VAL D 31 -16.97 -6.83 -7.95
CA VAL D 31 -17.34 -6.06 -6.77
C VAL D 31 -16.99 -6.96 -5.59
N LEU D 32 -16.70 -6.35 -4.45
CA LEU D 32 -16.38 -7.09 -3.25
C LEU D 32 -17.48 -6.82 -2.23
N GLY D 33 -18.03 -7.86 -1.65
CA GLY D 33 -19.08 -7.70 -0.66
C GLY D 33 -18.65 -8.17 0.70
N ASN D 34 -19.14 -7.50 1.75
CA ASN D 34 -18.77 -7.89 3.10
C ASN D 34 -19.65 -9.08 3.48
N ALA D 35 -19.03 -10.24 3.69
CA ALA D 35 -19.78 -11.45 4.01
C ALA D 35 -20.33 -11.46 5.44
N GLN D 36 -19.84 -10.57 6.29
CA GLN D 36 -20.27 -10.54 7.69
C GLN D 36 -21.34 -9.52 8.05
N ILE D 37 -21.87 -8.81 7.05
CA ILE D 37 -22.91 -7.82 7.28
C ILE D 37 -24.15 -8.22 6.49
N VAL D 38 -25.34 -8.01 7.06
CA VAL D 38 -26.58 -8.38 6.38
C VAL D 38 -26.66 -7.81 4.97
N ASP D 39 -27.16 -8.63 4.05
CA ASP D 39 -27.30 -8.25 2.65
C ASP D 39 -25.98 -8.21 1.90
N TRP D 40 -24.88 -8.47 2.61
CA TRP D 40 -23.55 -8.52 2.03
C TRP D 40 -23.23 -7.28 1.19
N PRO D 41 -23.18 -6.12 1.86
CA PRO D 41 -22.89 -4.84 1.20
C PRO D 41 -21.58 -4.77 0.44
N ILE D 42 -21.63 -4.14 -0.73
CA ILE D 42 -20.47 -3.95 -1.56
C ILE D 42 -19.52 -2.96 -0.87
N VAL D 43 -18.25 -3.35 -0.74
CA VAL D 43 -17.26 -2.47 -0.11
C VAL D 43 -16.30 -1.95 -1.17
N TYR D 44 -16.42 -2.46 -2.40
CA TYR D 44 -15.57 -2.01 -3.50
C TYR D 44 -16.05 -2.52 -4.85
N SER D 45 -15.88 -1.72 -5.89
CA SER D 45 -16.23 -2.12 -7.25
C SER D 45 -15.15 -1.54 -8.14
N ASN D 46 -14.64 -2.32 -9.08
CA ASN D 46 -13.57 -1.82 -9.95
C ASN D 46 -14.10 -1.09 -11.17
N ASP D 47 -13.20 -0.55 -12.00
CA ASP D 47 -13.61 0.19 -13.19
C ASP D 47 -14.36 -0.71 -14.17
N GLY D 48 -13.93 -1.96 -14.27
CA GLY D 48 -14.58 -2.89 -15.18
C GLY D 48 -16.07 -3.03 -14.88
N PHE D 49 -16.40 -3.21 -13.61
CA PHE D 49 -17.80 -3.34 -13.24
C PHE D 49 -18.60 -2.09 -13.61
N CYS D 50 -18.00 -0.93 -13.39
CA CYS D 50 -18.66 0.33 -13.71
C CYS D 50 -19.00 0.42 -15.20
N LYS D 51 -18.03 0.09 -16.05
CA LYS D 51 -18.23 0.16 -17.49
C LYS D 51 -19.24 -0.90 -17.95
N LEU D 52 -19.20 -2.05 -17.28
CA LEU D 52 -20.08 -3.16 -17.62
C LEU D 52 -21.54 -2.94 -17.20
N SER D 53 -21.73 -2.45 -15.99
CA SER D 53 -23.07 -2.24 -15.45
C SER D 53 -23.65 -0.85 -15.70
N GLY D 54 -22.77 0.13 -15.93
CA GLY D 54 -23.23 1.48 -16.15
C GLY D 54 -23.42 2.20 -14.83
N TYR D 55 -23.15 1.50 -13.73
CA TYR D 55 -23.30 2.07 -12.39
C TYR D 55 -22.01 2.68 -11.82
N HIS D 56 -22.17 3.86 -11.25
CA HIS D 56 -21.09 4.62 -10.64
C HIS D 56 -20.55 3.97 -9.36
N ARG D 57 -19.26 4.13 -9.13
CA ARG D 57 -18.62 3.59 -7.95
C ARG D 57 -19.39 4.07 -6.71
N ALA D 58 -19.82 5.34 -6.74
CA ALA D 58 -20.55 5.92 -5.62
C ALA D 58 -21.96 5.36 -5.42
N GLU D 59 -22.66 5.04 -6.50
CA GLU D 59 -24.02 4.51 -6.33
C GLU D 59 -24.05 3.02 -6.02
N VAL D 60 -22.92 2.34 -6.20
CA VAL D 60 -22.83 0.90 -5.94
C VAL D 60 -22.41 0.56 -4.50
N MET D 61 -21.65 1.46 -3.88
CA MET D 61 -21.21 1.24 -2.51
C MET D 61 -22.38 0.99 -1.56
N GLN D 62 -22.21 0.00 -0.69
CA GLN D 62 -23.21 -0.38 0.30
C GLN D 62 -24.42 -1.14 -0.23
N LYS D 63 -24.57 -1.20 -1.54
CA LYS D 63 -25.67 -1.95 -2.14
C LYS D 63 -25.31 -3.43 -1.96
N SER D 64 -26.31 -4.30 -2.02
CA SER D 64 -26.06 -5.74 -1.85
C SER D 64 -25.17 -6.31 -2.95
N SER D 65 -24.22 -7.17 -2.55
CA SER D 65 -23.31 -7.83 -3.48
C SER D 65 -24.05 -8.77 -4.42
N THR D 66 -25.31 -9.07 -4.11
CA THR D 66 -26.10 -9.93 -4.98
C THR D 66 -26.41 -9.14 -6.25
N CYS D 67 -26.14 -7.83 -6.18
CA CYS D 67 -26.38 -6.91 -7.28
C CYS D 67 -27.86 -6.90 -7.69
N SER D 68 -28.72 -7.00 -6.68
CA SER D 68 -30.15 -7.00 -6.88
C SER D 68 -30.65 -5.67 -7.43
N PHE D 69 -29.85 -4.61 -7.28
CA PHE D 69 -30.27 -3.32 -7.81
C PHE D 69 -30.29 -3.41 -9.33
N MET D 70 -29.72 -4.50 -9.87
CA MET D 70 -29.69 -4.72 -11.32
C MET D 70 -30.75 -5.70 -11.82
N TYR D 71 -31.55 -6.26 -10.91
CA TYR D 71 -32.60 -7.19 -11.33
C TYR D 71 -33.74 -6.39 -11.88
N GLY D 72 -34.48 -6.98 -12.81
CA GLY D 72 -35.61 -6.29 -13.40
C GLY D 72 -36.69 -7.27 -13.81
N GLU D 73 -37.64 -6.78 -14.59
CA GLU D 73 -38.76 -7.57 -15.08
C GLU D 73 -38.40 -8.96 -15.62
N LEU D 74 -37.45 -9.00 -16.55
CA LEU D 74 -37.06 -10.26 -17.19
C LEU D 74 -36.04 -11.16 -16.47
N THR D 75 -35.59 -10.74 -15.28
CA THR D 75 -34.62 -11.54 -14.54
C THR D 75 -35.32 -12.77 -13.98
N ASP D 76 -34.76 -13.96 -14.20
CA ASP D 76 -35.39 -15.18 -13.73
C ASP D 76 -35.53 -15.27 -12.21
N LYS D 77 -36.76 -15.43 -11.75
CA LYS D 77 -37.08 -15.51 -10.33
C LYS D 77 -36.34 -16.60 -9.54
N ASP D 78 -36.20 -17.79 -10.13
CA ASP D 78 -35.52 -18.86 -9.42
C ASP D 78 -34.02 -18.60 -9.34
N THR D 79 -33.46 -17.99 -10.38
CA THR D 79 -32.03 -17.68 -10.38
C THR D 79 -31.73 -16.68 -9.27
N ILE D 80 -32.62 -15.70 -9.12
CA ILE D 80 -32.46 -14.68 -8.09
C ILE D 80 -32.35 -15.39 -6.75
N GLU D 81 -33.21 -16.41 -6.57
CA GLU D 81 -33.22 -17.17 -5.34
C GLU D 81 -31.94 -17.99 -5.15
N LYS D 82 -31.47 -18.62 -6.22
CA LYS D 82 -30.25 -19.43 -6.13
C LYS D 82 -29.02 -18.57 -5.82
N VAL D 83 -29.03 -17.34 -6.32
CA VAL D 83 -27.93 -16.41 -6.06
C VAL D 83 -27.91 -16.07 -4.57
N ARG D 84 -29.07 -15.71 -4.02
CA ARG D 84 -29.16 -15.36 -2.62
C ARG D 84 -28.76 -16.54 -1.73
N GLN D 85 -29.15 -17.75 -2.13
CA GLN D 85 -28.82 -18.94 -1.35
C GLN D 85 -27.33 -19.25 -1.37
N THR D 86 -26.66 -18.85 -2.45
CA THR D 86 -25.23 -19.06 -2.58
C THR D 86 -24.53 -18.21 -1.53
N PHE D 87 -25.05 -17.00 -1.30
CA PHE D 87 -24.48 -16.08 -0.33
C PHE D 87 -24.78 -16.58 1.09
N GLU D 88 -26.03 -17.01 1.30
CA GLU D 88 -26.44 -17.49 2.61
C GLU D 88 -25.63 -18.72 3.03
N ASN D 89 -25.26 -19.56 2.08
CA ASN D 89 -24.49 -20.76 2.40
C ASN D 89 -22.99 -20.56 2.24
N TYR D 90 -22.57 -19.34 1.93
CA TYR D 90 -21.15 -19.04 1.76
C TYR D 90 -20.54 -20.07 0.81
N GLU D 91 -21.22 -20.29 -0.32
CA GLU D 91 -20.76 -21.24 -1.32
C GLU D 91 -20.25 -20.54 -2.57
N MET D 92 -19.56 -21.32 -3.40
CA MET D 92 -19.04 -20.81 -4.65
C MET D 92 -19.98 -21.35 -5.73
N ASN D 93 -20.46 -20.47 -6.59
CA ASN D 93 -21.35 -20.87 -7.67
C ASN D 93 -21.30 -19.87 -8.82
N SER D 94 -21.73 -20.32 -9.98
CA SER D 94 -21.77 -19.50 -11.18
C SER D 94 -23.19 -19.51 -11.69
N PHE D 95 -23.58 -18.44 -12.38
CA PHE D 95 -24.94 -18.35 -12.89
C PHE D 95 -24.98 -17.56 -14.18
N GLU D 96 -26.00 -17.83 -14.97
CA GLU D 96 -26.21 -17.07 -16.20
C GLU D 96 -27.47 -16.31 -15.80
N ILE D 97 -27.38 -14.99 -15.78
CA ILE D 97 -28.54 -14.20 -15.39
C ILE D 97 -28.74 -12.96 -16.23
N LEU D 98 -30.01 -12.66 -16.51
CA LEU D 98 -30.38 -11.50 -17.29
C LEU D 98 -30.57 -10.34 -16.33
N MET D 99 -29.70 -9.35 -16.42
CA MET D 99 -29.79 -8.20 -15.53
C MET D 99 -29.93 -6.92 -16.33
N TYR D 100 -30.06 -5.81 -15.62
CA TYR D 100 -30.24 -4.51 -16.27
C TYR D 100 -29.16 -3.50 -15.93
N LYS D 101 -28.64 -2.85 -16.96
CA LYS D 101 -27.61 -1.84 -16.75
C LYS D 101 -28.33 -0.62 -16.22
N LYS D 102 -27.57 0.36 -15.74
CA LYS D 102 -28.17 1.56 -15.20
C LYS D 102 -29.16 2.16 -16.20
N ASN D 103 -28.81 2.17 -17.48
CA ASN D 103 -29.69 2.72 -18.50
C ASN D 103 -30.90 1.84 -18.83
N ARG D 104 -31.16 0.83 -18.01
CA ARG D 104 -32.29 -0.07 -18.18
C ARG D 104 -32.22 -1.06 -19.34
N THR D 105 -31.05 -1.22 -19.94
CA THR D 105 -30.91 -2.16 -21.03
C THR D 105 -30.67 -3.56 -20.47
N PRO D 106 -31.48 -4.55 -20.90
CA PRO D 106 -31.34 -5.93 -20.44
C PRO D 106 -30.07 -6.52 -21.03
N VAL D 107 -29.31 -7.27 -20.23
CA VAL D 107 -28.07 -7.89 -20.70
C VAL D 107 -27.87 -9.21 -19.99
N TRP D 108 -27.40 -10.22 -20.72
CA TRP D 108 -27.14 -11.51 -20.10
C TRP D 108 -25.72 -11.52 -19.56
N PHE D 109 -25.58 -11.83 -18.28
CA PHE D 109 -24.26 -11.86 -17.66
C PHE D 109 -23.94 -13.22 -17.07
N PHE D 110 -22.66 -13.55 -17.07
CA PHE D 110 -22.21 -14.78 -16.46
C PHE D 110 -21.71 -14.23 -15.12
N VAL D 111 -22.23 -14.75 -14.02
CA VAL D 111 -21.82 -14.26 -12.70
C VAL D 111 -21.22 -15.38 -11.87
N LYS D 112 -20.03 -15.11 -11.34
CA LYS D 112 -19.33 -16.07 -10.49
C LYS D 112 -19.21 -15.47 -9.10
N ILE D 113 -19.75 -16.17 -8.10
CA ILE D 113 -19.70 -15.72 -6.72
C ILE D 113 -18.70 -16.62 -6.00
N ALA D 114 -17.69 -16.03 -5.38
CA ALA D 114 -16.67 -16.82 -4.71
C ALA D 114 -16.29 -16.24 -3.35
N PRO D 115 -16.52 -17.00 -2.28
CA PRO D 115 -16.16 -16.49 -0.95
C PRO D 115 -14.65 -16.37 -0.78
N ILE D 116 -14.22 -15.35 -0.05
CA ILE D 116 -12.81 -15.10 0.23
C ILE D 116 -12.65 -15.35 1.73
N ARG D 117 -11.76 -16.28 2.08
CA ARG D 117 -11.54 -16.60 3.49
C ARG D 117 -10.28 -15.93 4.02
N ASN D 118 -10.30 -15.57 5.30
CA ASN D 118 -9.13 -14.96 5.91
C ASN D 118 -8.11 -16.06 6.21
N GLU D 119 -7.02 -15.72 6.88
CA GLU D 119 -6.00 -16.72 7.17
C GLU D 119 -6.40 -17.74 8.23
N GLN D 120 -7.60 -17.59 8.77
CA GLN D 120 -8.11 -18.53 9.77
C GLN D 120 -9.24 -19.35 9.15
N ASP D 121 -9.30 -19.34 7.83
CA ASP D 121 -10.29 -20.08 7.05
C ASP D 121 -11.73 -19.63 7.21
N LYS D 122 -11.92 -18.39 7.66
CA LYS D 122 -13.26 -17.84 7.83
C LYS D 122 -13.63 -16.93 6.67
N VAL D 123 -14.81 -17.13 6.09
CA VAL D 123 -15.26 -16.30 4.98
C VAL D 123 -15.52 -14.86 5.45
N VAL D 124 -14.77 -13.91 4.93
CA VAL D 124 -14.95 -12.51 5.31
C VAL D 124 -15.46 -11.63 4.19
N LEU D 125 -15.30 -12.11 2.95
CA LEU D 125 -15.74 -11.34 1.81
C LEU D 125 -16.20 -12.24 0.68
N PHE D 126 -16.91 -11.65 -0.27
CA PHE D 126 -17.39 -12.34 -1.45
C PHE D 126 -16.79 -11.60 -2.64
N LEU D 127 -16.21 -12.35 -3.57
CA LEU D 127 -15.66 -11.75 -4.78
C LEU D 127 -16.68 -12.10 -5.85
N CYS D 128 -17.31 -11.07 -6.42
CA CYS D 128 -18.30 -11.29 -7.45
C CYS D 128 -17.78 -10.77 -8.78
N THR D 129 -17.62 -11.67 -9.74
CA THR D 129 -17.12 -11.30 -11.05
C THR D 129 -18.20 -11.44 -12.10
N PHE D 130 -18.22 -10.49 -13.04
CA PHE D 130 -19.23 -10.45 -14.09
C PHE D 130 -18.61 -10.35 -15.48
N SER D 131 -19.29 -10.92 -16.46
CA SER D 131 -18.83 -10.86 -17.84
C SER D 131 -20.03 -11.07 -18.76
N ASP D 132 -19.96 -10.48 -19.96
CA ASP D 132 -21.04 -10.60 -20.94
C ASP D 132 -21.04 -11.99 -21.56
N ILE D 133 -22.22 -12.59 -21.66
CA ILE D 133 -22.35 -13.91 -22.25
C ILE D 133 -23.28 -13.82 -23.46
N THR E 28 16.73 -27.54 13.98
CA THR E 28 16.31 -26.50 13.01
C THR E 28 14.91 -25.98 13.33
N ASN E 29 14.22 -26.65 14.25
CA ASN E 29 12.88 -26.23 14.68
C ASN E 29 12.97 -25.87 16.15
N PHE E 30 12.85 -24.60 16.48
CA PHE E 30 12.98 -24.21 17.88
C PHE E 30 12.21 -22.97 18.31
N VAL E 31 12.10 -22.83 19.62
CA VAL E 31 11.45 -21.68 20.24
C VAL E 31 12.33 -21.31 21.42
N LEU E 32 12.22 -20.05 21.87
CA LEU E 32 12.96 -19.58 23.03
C LEU E 32 11.90 -19.14 24.05
N GLY E 33 12.05 -19.60 25.29
CA GLY E 33 11.09 -19.25 26.32
C GLY E 33 11.71 -18.40 27.42
N ASN E 34 10.97 -17.43 27.94
CA ASN E 34 11.49 -16.58 29.01
C ASN E 34 11.57 -17.40 30.29
N ALA E 35 12.77 -17.61 30.79
CA ALA E 35 12.95 -18.42 31.99
C ALA E 35 12.61 -17.72 33.30
N GLN E 36 12.29 -16.42 33.24
CA GLN E 36 12.00 -15.67 34.45
C GLN E 36 10.53 -15.31 34.68
N ILE E 37 9.65 -15.86 33.85
CA ILE E 37 8.23 -15.59 33.97
C ILE E 37 7.48 -16.91 34.08
N VAL E 38 6.47 -16.95 34.94
CA VAL E 38 5.67 -18.15 35.14
C VAL E 38 5.24 -18.74 33.80
N ASP E 39 5.34 -20.06 33.69
CA ASP E 39 4.98 -20.80 32.48
C ASP E 39 6.02 -20.68 31.36
N TRP E 40 7.06 -19.88 31.59
CA TRP E 40 8.14 -19.72 30.63
C TRP E 40 7.60 -19.39 29.23
N PRO E 41 6.92 -18.24 29.09
CA PRO E 41 6.35 -17.79 27.82
C PRO E 41 7.35 -17.69 26.67
N ILE E 42 6.91 -18.13 25.50
CA ILE E 42 7.74 -18.10 24.30
C ILE E 42 7.99 -16.67 23.83
N VAL E 43 9.24 -16.32 23.57
CA VAL E 43 9.56 -14.97 23.10
C VAL E 43 10.02 -15.00 21.66
N TYR E 44 10.16 -16.20 21.10
CA TYR E 44 10.58 -16.38 19.72
C TYR E 44 10.39 -17.81 19.25
N SER E 45 10.02 -17.97 17.99
CA SER E 45 9.87 -19.30 17.38
C SER E 45 10.25 -19.09 15.93
N ASN E 46 10.98 -20.06 15.37
CA ASN E 46 11.41 -19.93 13.98
C ASN E 46 10.40 -20.55 13.01
N ASP E 47 10.58 -20.26 11.72
CA ASP E 47 9.67 -20.78 10.71
C ASP E 47 9.57 -22.30 10.79
N GLY E 48 10.69 -22.95 11.11
CA GLY E 48 10.69 -24.39 11.21
C GLY E 48 9.67 -24.90 12.21
N PHE E 49 9.62 -24.29 13.39
CA PHE E 49 8.67 -24.72 14.41
C PHE E 49 7.21 -24.52 13.99
N CYS E 50 6.93 -23.39 13.35
CA CYS E 50 5.57 -23.10 12.93
C CYS E 50 5.11 -24.06 11.84
N LYS E 51 6.04 -24.50 11.00
CA LYS E 51 5.71 -25.44 9.92
C LYS E 51 5.41 -26.80 10.55
N LEU E 52 6.26 -27.20 11.50
CA LEU E 52 6.13 -28.48 12.18
C LEU E 52 4.88 -28.59 13.05
N SER E 53 4.63 -27.56 13.86
CA SER E 53 3.48 -27.54 14.76
C SER E 53 2.19 -27.12 14.06
N GLY E 54 2.32 -26.39 12.96
CA GLY E 54 1.14 -25.92 12.25
C GLY E 54 0.60 -24.64 12.86
N TYR E 55 1.25 -24.18 13.92
CA TYR E 55 0.84 -22.96 14.61
C TYR E 55 1.51 -21.70 14.06
N HIS E 56 0.72 -20.65 13.93
CA HIS E 56 1.16 -19.36 13.43
C HIS E 56 2.16 -18.70 14.41
N ARG E 57 3.14 -17.99 13.86
CA ARG E 57 4.14 -17.29 14.69
C ARG E 57 3.45 -16.46 15.76
N ALA E 58 2.40 -15.73 15.37
CA ALA E 58 1.67 -14.89 16.29
C ALA E 58 0.88 -15.69 17.31
N GLU E 59 0.51 -16.92 16.96
CA GLU E 59 -0.25 -17.77 17.86
C GLU E 59 0.60 -18.40 18.97
N VAL E 60 1.87 -18.67 18.68
CA VAL E 60 2.72 -19.29 19.70
C VAL E 60 3.38 -18.29 20.65
N MET E 61 3.48 -17.03 20.23
CA MET E 61 4.09 -16.01 21.08
C MET E 61 3.36 -15.93 22.41
N GLN E 62 4.14 -15.92 23.49
CA GLN E 62 3.60 -15.84 24.86
C GLN E 62 3.01 -17.13 25.41
N LYS E 63 2.89 -18.16 24.56
CA LYS E 63 2.37 -19.44 25.03
C LYS E 63 3.51 -20.09 25.82
N SER E 64 3.19 -21.07 26.65
CA SER E 64 4.23 -21.74 27.43
C SER E 64 5.25 -22.46 26.56
N SER E 65 6.51 -22.33 26.94
CA SER E 65 7.62 -22.97 26.23
C SER E 65 7.55 -24.49 26.42
N THR E 66 6.70 -24.95 27.34
CA THR E 66 6.53 -26.38 27.57
C THR E 66 5.66 -26.92 26.45
N CYS E 67 5.07 -26.00 25.69
CA CYS E 67 4.18 -26.32 24.58
C CYS E 67 2.90 -27.02 25.04
N SER E 68 2.49 -26.71 26.26
CA SER E 68 1.28 -27.29 26.82
C SER E 68 0.07 -27.00 25.94
N PHE E 69 0.13 -25.91 25.17
CA PHE E 69 -0.99 -25.56 24.30
C PHE E 69 -1.20 -26.63 23.23
N MET E 70 -0.21 -27.51 23.05
CA MET E 70 -0.31 -28.56 22.05
C MET E 70 -0.67 -29.91 22.66
N TYR E 71 -0.74 -29.97 23.99
CA TYR E 71 -1.07 -31.23 24.65
C TYR E 71 -2.48 -31.65 24.31
N GLY E 72 -2.70 -32.97 24.31
CA GLY E 72 -4.01 -33.49 23.99
C GLY E 72 -4.33 -34.75 24.78
N GLU E 73 -5.44 -35.36 24.43
CA GLU E 73 -5.91 -36.58 25.09
C GLU E 73 -4.88 -37.70 25.23
N LEU E 74 -4.14 -37.99 24.18
CA LEU E 74 -3.15 -39.06 24.24
C LEU E 74 -1.77 -38.67 24.74
N THR E 75 -1.58 -37.41 25.11
CA THR E 75 -0.28 -36.97 25.61
C THR E 75 -0.04 -37.63 26.97
N ASP E 76 1.09 -38.31 27.10
CA ASP E 76 1.42 -38.99 28.36
C ASP E 76 1.53 -38.02 29.53
N LYS E 77 0.76 -38.27 30.58
CA LYS E 77 0.74 -37.43 31.77
C LYS E 77 2.09 -37.41 32.49
N ASP E 78 2.76 -38.56 32.55
CA ASP E 78 4.05 -38.62 33.22
C ASP E 78 5.07 -37.74 32.52
N THR E 79 5.14 -37.86 31.20
CA THR E 79 6.07 -37.06 30.42
C THR E 79 5.79 -35.58 30.65
N ILE E 80 4.51 -35.22 30.67
CA ILE E 80 4.12 -33.83 30.90
C ILE E 80 4.76 -33.30 32.18
N GLU E 81 4.72 -34.10 33.24
CA GLU E 81 5.30 -33.68 34.51
C GLU E 81 6.82 -33.60 34.45
N LYS E 82 7.45 -34.56 33.77
CA LYS E 82 8.90 -34.56 33.65
C LYS E 82 9.37 -33.34 32.87
N VAL E 83 8.59 -32.92 31.88
CA VAL E 83 8.94 -31.74 31.09
C VAL E 83 8.88 -30.50 31.98
N ARG E 84 7.77 -30.34 32.70
CA ARG E 84 7.62 -29.18 33.57
C ARG E 84 8.72 -29.12 34.61
N GLN E 85 9.11 -30.29 35.13
CA GLN E 85 10.17 -30.35 36.13
C GLN E 85 11.52 -29.96 35.54
N THR E 86 11.71 -30.22 34.25
CA THR E 86 12.96 -29.87 33.59
C THR E 86 13.10 -28.36 33.59
N PHE E 87 11.99 -27.66 33.37
CA PHE E 87 12.00 -26.21 33.37
C PHE E 87 12.16 -25.72 34.80
N GLU E 88 11.34 -26.26 35.71
CA GLU E 88 11.37 -25.88 37.11
C GLU E 88 12.77 -26.00 37.70
N ASN E 89 13.53 -27.00 37.27
CA ASN E 89 14.87 -27.19 37.79
C ASN E 89 15.97 -26.67 36.89
N TYR E 90 15.59 -25.94 35.85
CA TYR E 90 16.57 -25.38 34.92
C TYR E 90 17.55 -26.45 34.44
N GLU E 91 17.02 -27.60 34.04
CA GLU E 91 17.87 -28.69 33.58
C GLU E 91 17.83 -28.88 32.08
N MET E 92 18.74 -29.70 31.59
CA MET E 92 18.82 -30.02 30.17
C MET E 92 18.27 -31.45 30.06
N ASN E 93 17.20 -31.62 29.31
CA ASN E 93 16.59 -32.94 29.13
C ASN E 93 15.94 -33.08 27.76
N SER E 94 15.72 -34.33 27.35
CA SER E 94 15.11 -34.67 26.07
C SER E 94 13.96 -35.62 26.34
N PHE E 95 12.89 -35.51 25.55
CA PHE E 95 11.74 -36.35 25.75
C PHE E 95 11.00 -36.65 24.46
N GLU E 96 10.33 -37.80 24.43
CA GLU E 96 9.51 -38.17 23.29
C GLU E 96 8.12 -37.89 23.85
N ILE E 97 7.33 -37.10 23.13
CA ILE E 97 6.01 -36.76 23.62
C ILE E 97 5.02 -36.60 22.47
N LEU E 98 3.81 -37.10 22.69
CA LEU E 98 2.76 -37.02 21.68
C LEU E 98 2.01 -35.71 21.85
N MET E 99 2.10 -34.84 20.86
CA MET E 99 1.41 -33.56 20.90
C MET E 99 0.59 -33.43 19.63
N TYR E 100 -0.22 -32.36 19.52
CA TYR E 100 -1.06 -32.19 18.35
C TYR E 100 -0.77 -30.90 17.58
N LYS E 101 -0.81 -31.00 16.25
CA LYS E 101 -0.58 -29.84 15.41
C LYS E 101 -1.83 -28.97 15.50
N LYS E 102 -1.78 -27.76 14.95
CA LYS E 102 -2.95 -26.90 14.99
C LYS E 102 -4.14 -27.56 14.29
N ASN E 103 -3.86 -28.33 13.24
CA ASN E 103 -4.93 -29.00 12.49
C ASN E 103 -5.41 -30.29 13.16
N ARG E 104 -5.05 -30.47 14.42
CA ARG E 104 -5.47 -31.63 15.22
C ARG E 104 -4.75 -32.95 14.94
N THR E 105 -3.77 -32.93 14.05
CA THR E 105 -3.02 -34.14 13.73
C THR E 105 -2.06 -34.48 14.87
N PRO E 106 -2.11 -35.73 15.37
CA PRO E 106 -1.23 -36.15 16.46
C PRO E 106 0.16 -36.35 15.88
N VAL E 107 1.19 -35.94 16.62
CA VAL E 107 2.55 -36.12 16.15
C VAL E 107 3.44 -36.55 17.29
N TRP E 108 4.33 -37.50 17.03
CA TRP E 108 5.26 -37.95 18.05
C TRP E 108 6.47 -37.06 17.93
N PHE E 109 6.61 -36.15 18.89
CA PHE E 109 7.72 -35.20 18.92
C PHE E 109 8.86 -35.64 19.82
N PHE E 110 10.07 -35.23 19.44
CA PHE E 110 11.24 -35.47 20.25
C PHE E 110 11.60 -34.03 20.65
N VAL E 111 11.51 -33.73 21.93
CA VAL E 111 11.79 -32.39 22.40
C VAL E 111 13.04 -32.34 23.27
N LYS E 112 13.89 -31.35 23.01
CA LYS E 112 15.12 -31.17 23.77
C LYS E 112 15.02 -29.81 24.44
N ILE E 113 15.22 -29.78 25.76
CA ILE E 113 15.13 -28.54 26.52
C ILE E 113 16.50 -28.20 27.12
N ALA E 114 16.94 -26.97 26.89
CA ALA E 114 18.24 -26.57 27.42
C ALA E 114 18.21 -25.11 27.86
N PRO E 115 18.62 -24.85 29.11
CA PRO E 115 18.63 -23.48 29.62
C PRO E 115 19.80 -22.69 29.01
N ILE E 116 19.60 -21.38 28.88
CA ILE E 116 20.61 -20.49 28.34
C ILE E 116 20.94 -19.49 29.45
N ARG E 117 22.22 -19.38 29.81
CA ARG E 117 22.63 -18.46 30.86
C ARG E 117 23.32 -17.24 30.28
N ASN E 118 23.17 -16.11 30.96
CA ASN E 118 23.80 -14.88 30.53
C ASN E 118 25.25 -14.92 31.03
N GLU E 119 25.98 -13.82 30.87
CA GLU E 119 27.37 -13.76 31.30
C GLU E 119 27.53 -13.76 32.82
N GLN E 120 26.40 -13.76 33.53
CA GLN E 120 26.42 -13.79 34.99
C GLN E 120 26.01 -15.18 35.49
N ASP E 121 25.95 -16.14 34.56
CA ASP E 121 25.57 -17.51 34.88
C ASP E 121 24.13 -17.69 35.31
N LYS E 122 23.31 -16.66 35.10
CA LYS E 122 21.90 -16.71 35.46
C LYS E 122 21.11 -17.21 34.25
N VAL E 123 20.20 -18.16 34.47
CA VAL E 123 19.42 -18.69 33.37
C VAL E 123 18.40 -17.63 33.00
N VAL E 124 18.46 -17.16 31.76
CA VAL E 124 17.54 -16.14 31.31
C VAL E 124 16.55 -16.64 30.27
N LEU E 125 16.90 -17.74 29.60
CA LEU E 125 16.04 -18.31 28.57
C LEU E 125 16.16 -19.82 28.47
N PHE E 126 15.17 -20.42 27.81
CA PHE E 126 15.14 -21.84 27.56
C PHE E 126 15.10 -22.01 26.04
N LEU E 127 15.98 -22.86 25.51
CA LEU E 127 16.02 -23.14 24.09
C LEU E 127 15.38 -24.51 23.96
N CYS E 128 14.26 -24.59 23.24
CA CYS E 128 13.59 -25.87 23.06
C CYS E 128 13.59 -26.22 21.59
N THR E 129 14.12 -27.40 21.26
CA THR E 129 14.20 -27.87 19.89
C THR E 129 13.24 -29.04 19.67
N PHE E 130 12.57 -29.06 18.53
CA PHE E 130 11.57 -30.08 18.21
C PHE E 130 11.79 -30.82 16.89
N SER E 131 11.25 -32.02 16.78
CA SER E 131 11.34 -32.82 15.56
C SER E 131 10.32 -33.95 15.55
N ASP E 132 9.88 -34.33 14.36
CA ASP E 132 8.91 -35.41 14.19
C ASP E 132 9.70 -36.71 14.19
N ILE E 133 9.42 -37.58 15.17
CA ILE E 133 10.11 -38.84 15.31
C ILE E 133 9.97 -39.77 14.10
N THR E 134 8.87 -39.63 13.35
CA THR E 134 8.65 -40.48 12.18
C THR E 134 9.33 -39.90 10.94
N ALA E 135 9.78 -38.65 11.05
CA ALA E 135 10.43 -37.98 9.93
C ALA E 135 11.93 -37.93 10.14
N ASN F 29 11.34 31.09 -38.55
CA ASN F 29 10.54 31.77 -37.54
C ASN F 29 9.43 30.81 -37.14
N PHE F 30 9.41 30.39 -35.89
CA PHE F 30 8.38 29.44 -35.49
C PHE F 30 7.88 29.52 -34.06
N VAL F 31 6.78 28.82 -33.85
CA VAL F 31 6.11 28.73 -32.57
C VAL F 31 5.72 27.26 -32.41
N LEU F 32 5.69 26.78 -31.16
CA LEU F 32 5.30 25.41 -30.87
C LEU F 32 4.06 25.42 -29.99
N GLY F 33 3.01 24.73 -30.43
CA GLY F 33 1.79 24.67 -29.64
C GLY F 33 1.49 23.27 -29.13
N ASN F 34 0.89 23.20 -27.94
CA ASN F 34 0.52 21.91 -27.37
C ASN F 34 -0.77 21.43 -28.02
N ALA F 35 -0.71 20.30 -28.72
CA ALA F 35 -1.88 19.78 -29.41
C ALA F 35 -2.89 19.09 -28.50
N GLN F 36 -2.52 18.87 -27.25
CA GLN F 36 -3.42 18.17 -26.33
C GLN F 36 -4.13 19.06 -25.31
N ILE F 37 -3.98 20.38 -25.45
CA ILE F 37 -4.63 21.30 -24.52
C ILE F 37 -5.53 22.28 -25.24
N VAL F 38 -6.70 22.54 -24.67
CA VAL F 38 -7.67 23.47 -25.24
C VAL F 38 -6.97 24.73 -25.74
N ASP F 39 -7.35 25.19 -26.94
CA ASP F 39 -6.77 26.37 -27.55
C ASP F 39 -5.36 26.19 -28.08
N TRP F 40 -4.78 25.01 -27.87
CA TRP F 40 -3.43 24.72 -28.36
C TRP F 40 -2.43 25.81 -27.95
N PRO F 41 -2.22 25.99 -26.65
CA PRO F 41 -1.30 27.01 -26.16
C PRO F 41 0.14 26.88 -26.64
N ILE F 42 0.77 28.03 -26.88
CA ILE F 42 2.15 28.09 -27.33
C ILE F 42 3.06 27.73 -26.16
N VAL F 43 3.97 26.79 -26.38
CA VAL F 43 4.89 26.37 -25.33
C VAL F 43 6.31 26.85 -25.62
N TYR F 44 6.51 27.42 -26.81
CA TYR F 44 7.81 27.95 -27.18
C TYR F 44 7.73 28.81 -28.42
N SER F 45 8.58 29.84 -28.45
CA SER F 45 8.68 30.78 -29.56
C SER F 45 10.16 31.13 -29.74
N ASN F 46 10.68 30.99 -30.95
CA ASN F 46 12.09 31.29 -31.19
C ASN F 46 12.31 32.77 -31.46
N ASP F 47 13.58 33.17 -31.51
CA ASP F 47 13.94 34.57 -31.76
C ASP F 47 13.40 35.06 -33.10
N GLY F 48 13.40 34.19 -34.10
CA GLY F 48 12.91 34.57 -35.40
C GLY F 48 11.48 35.07 -35.35
N PHE F 49 10.59 34.30 -34.74
CA PHE F 49 9.19 34.68 -34.63
C PHE F 49 9.04 36.00 -33.88
N CYS F 50 9.68 36.10 -32.73
CA CYS F 50 9.61 37.30 -31.91
C CYS F 50 10.12 38.52 -32.66
N LYS F 51 11.08 38.31 -33.54
CA LYS F 51 11.65 39.41 -34.32
C LYS F 51 10.76 39.72 -35.52
N LEU F 52 10.09 38.69 -36.04
CA LEU F 52 9.22 38.86 -37.20
C LEU F 52 7.87 39.47 -36.81
N SER F 53 7.33 39.04 -35.68
CA SER F 53 6.05 39.54 -35.21
C SER F 53 6.20 40.77 -34.35
N GLY F 54 7.38 40.92 -33.74
CA GLY F 54 7.64 42.06 -32.87
C GLY F 54 7.13 41.80 -31.47
N TYR F 55 6.65 40.59 -31.23
CA TYR F 55 6.14 40.20 -29.92
C TYR F 55 7.19 39.53 -29.07
N HIS F 56 7.27 39.93 -27.80
CA HIS F 56 8.24 39.35 -26.87
C HIS F 56 7.85 37.91 -26.53
N ARG F 57 8.85 37.07 -26.36
CA ARG F 57 8.62 35.67 -26.03
C ARG F 57 7.74 35.52 -24.80
N ALA F 58 7.90 36.41 -23.83
CA ALA F 58 7.11 36.37 -22.61
C ALA F 58 5.63 36.66 -22.86
N GLU F 59 5.34 37.41 -23.92
CA GLU F 59 3.96 37.74 -24.25
C GLU F 59 3.27 36.58 -24.98
N VAL F 60 3.99 36.01 -25.94
CA VAL F 60 3.49 34.91 -26.76
C VAL F 60 3.19 33.63 -26.00
N MET F 61 4.02 33.32 -25.01
CA MET F 61 3.84 32.11 -24.20
C MET F 61 2.40 32.02 -23.69
N GLN F 62 1.80 30.84 -23.81
CA GLN F 62 0.43 30.62 -23.35
C GLN F 62 -0.66 31.02 -24.35
N LYS F 63 -0.31 31.89 -25.31
CA LYS F 63 -1.30 32.31 -26.29
C LYS F 63 -1.63 31.15 -27.22
N SER F 64 -2.78 31.19 -27.87
CA SER F 64 -3.16 30.11 -28.79
C SER F 64 -2.20 30.06 -29.97
N SER F 65 -1.85 28.85 -30.40
CA SER F 65 -0.95 28.62 -31.53
C SER F 65 -1.54 29.16 -32.82
N THR F 66 -2.84 29.43 -32.79
CA THR F 66 -3.54 29.95 -33.96
C THR F 66 -3.02 31.36 -34.23
N CYS F 67 -2.31 31.91 -33.23
CA CYS F 67 -1.77 33.25 -33.32
C CYS F 67 -2.87 34.28 -33.61
N SER F 68 -4.04 34.03 -33.04
CA SER F 68 -5.18 34.91 -33.21
C SER F 68 -4.90 36.27 -32.59
N PHE F 69 -3.96 36.34 -31.66
CA PHE F 69 -3.64 37.61 -31.03
C PHE F 69 -3.08 38.58 -32.06
N MET F 70 -2.72 38.06 -33.24
CA MET F 70 -2.19 38.90 -34.30
C MET F 70 -3.23 39.19 -35.37
N TYR F 71 -4.42 38.61 -35.23
CA TYR F 71 -5.48 38.84 -36.21
C TYR F 71 -5.97 40.28 -36.10
N GLY F 72 -6.30 40.87 -37.25
CA GLY F 72 -6.79 42.23 -37.26
C GLY F 72 -8.08 42.35 -38.06
N GLU F 73 -8.60 43.57 -38.15
CA GLU F 73 -9.85 43.82 -38.87
C GLU F 73 -9.84 43.31 -40.32
N LEU F 74 -8.69 43.42 -40.99
CA LEU F 74 -8.59 42.99 -42.38
C LEU F 74 -8.26 41.51 -42.59
N THR F 75 -7.98 40.79 -41.51
CA THR F 75 -7.65 39.37 -41.60
C THR F 75 -8.83 38.60 -42.17
N ASP F 76 -8.59 37.80 -43.20
CA ASP F 76 -9.68 37.05 -43.85
C ASP F 76 -10.39 36.07 -42.93
N LYS F 77 -11.71 36.20 -42.86
CA LYS F 77 -12.53 35.35 -42.00
C LYS F 77 -12.46 33.86 -42.35
N ASP F 78 -12.42 33.52 -43.63
CA ASP F 78 -12.33 32.12 -44.03
C ASP F 78 -10.98 31.53 -43.67
N THR F 79 -9.92 32.30 -43.85
CA THR F 79 -8.57 31.84 -43.54
C THR F 79 -8.47 31.54 -42.05
N ILE F 80 -9.08 32.37 -41.23
CA ILE F 80 -9.09 32.18 -39.78
C ILE F 80 -9.80 30.86 -39.49
N GLU F 81 -10.93 30.67 -40.18
CA GLU F 81 -11.75 29.47 -40.05
C GLU F 81 -10.96 28.21 -40.37
N LYS F 82 -10.27 28.23 -41.52
CA LYS F 82 -9.48 27.10 -41.98
C LYS F 82 -8.29 26.82 -41.09
N VAL F 83 -7.71 27.88 -40.50
CA VAL F 83 -6.56 27.69 -39.62
C VAL F 83 -7.04 26.90 -38.40
N ARG F 84 -8.15 27.33 -37.83
CA ARG F 84 -8.71 26.64 -36.66
C ARG F 84 -9.06 25.20 -37.00
N GLN F 85 -9.63 24.97 -38.17
CA GLN F 85 -9.98 23.61 -38.56
C GLN F 85 -8.76 22.73 -38.74
N THR F 86 -7.64 23.33 -39.13
CA THR F 86 -6.40 22.57 -39.31
C THR F 86 -5.94 22.03 -37.97
N PHE F 87 -6.05 22.85 -36.93
CA PHE F 87 -5.67 22.44 -35.58
C PHE F 87 -6.66 21.41 -35.05
N GLU F 88 -7.94 21.66 -35.29
CA GLU F 88 -8.99 20.76 -34.81
C GLU F 88 -8.86 19.38 -35.43
N ASN F 89 -8.44 19.34 -36.68
CA ASN F 89 -8.30 18.08 -37.41
C ASN F 89 -6.88 17.51 -37.38
N TYR F 90 -6.00 18.13 -36.60
CA TYR F 90 -4.62 17.67 -36.50
C TYR F 90 -4.03 17.41 -37.88
N GLU F 91 -4.23 18.35 -38.79
CA GLU F 91 -3.75 18.22 -40.16
C GLU F 91 -2.59 19.16 -40.46
N MET F 92 -2.00 18.98 -41.63
CA MET F 92 -0.91 19.82 -42.08
C MET F 92 -1.46 20.71 -43.18
N ASN F 93 -1.28 22.02 -43.05
CA ASN F 93 -1.76 22.98 -44.03
C ASN F 93 -0.91 24.24 -44.06
N SER F 94 -0.97 24.94 -45.18
CA SER F 94 -0.23 26.18 -45.36
C SER F 94 -1.23 27.26 -45.73
N PHE F 95 -0.98 28.48 -45.29
CA PHE F 95 -1.89 29.59 -45.56
C PHE F 95 -1.17 30.90 -45.76
N GLU F 96 -1.85 31.82 -46.44
CA GLU F 96 -1.35 33.17 -46.66
C GLU F 96 -2.37 33.94 -45.83
N ILE F 97 -1.90 34.66 -44.81
CA ILE F 97 -2.82 35.39 -43.96
C ILE F 97 -2.28 36.77 -43.57
N LEU F 98 -3.17 37.75 -43.59
CA LEU F 98 -2.79 39.12 -43.24
C LEU F 98 -2.83 39.24 -41.72
N MET F 99 -1.68 39.53 -41.12
CA MET F 99 -1.61 39.66 -39.68
C MET F 99 -0.99 40.99 -39.28
N TYR F 100 -1.04 41.29 -37.99
CA TYR F 100 -0.50 42.55 -37.49
C TYR F 100 0.62 42.35 -36.48
N LYS F 101 1.72 43.04 -36.71
CA LYS F 101 2.87 42.97 -35.80
C LYS F 101 2.50 43.67 -34.50
N LYS F 102 3.42 43.66 -33.55
CA LYS F 102 3.16 44.31 -32.27
C LYS F 102 2.96 45.81 -32.50
N ASN F 103 3.72 46.37 -33.44
CA ASN F 103 3.65 47.79 -33.75
C ASN F 103 2.53 48.07 -34.75
N ARG F 104 1.48 47.25 -34.68
CA ARG F 104 0.30 47.37 -35.55
C ARG F 104 0.53 47.40 -37.06
N THR F 105 1.76 47.14 -37.50
CA THR F 105 2.05 47.13 -38.93
C THR F 105 1.51 45.86 -39.57
N PRO F 106 0.42 45.98 -40.35
CA PRO F 106 -0.15 44.79 -41.01
C PRO F 106 0.86 44.18 -41.98
N VAL F 107 0.97 42.86 -41.97
CA VAL F 107 1.91 42.17 -42.84
C VAL F 107 1.33 40.86 -43.35
N TRP F 108 1.64 40.53 -44.61
CA TRP F 108 1.16 39.28 -45.18
C TRP F 108 2.18 38.21 -44.81
N PHE F 109 1.72 37.17 -44.13
CA PHE F 109 2.59 36.09 -43.73
C PHE F 109 2.20 34.78 -44.37
N PHE F 110 3.21 33.96 -44.65
CA PHE F 110 2.97 32.63 -45.19
C PHE F 110 3.07 31.80 -43.92
N VAL F 111 2.05 31.00 -43.63
CA VAL F 111 2.07 30.19 -42.42
C VAL F 111 1.94 28.71 -42.73
N LYS F 112 2.79 27.91 -42.10
CA LYS F 112 2.78 26.47 -42.29
C LYS F 112 2.52 25.82 -40.94
N ILE F 113 1.43 25.07 -40.85
CA ILE F 113 1.08 24.38 -39.62
C ILE F 113 1.33 22.90 -39.81
N ALA F 114 2.32 22.36 -39.10
CA ALA F 114 2.65 20.95 -39.23
C ALA F 114 2.61 20.24 -37.88
N PRO F 115 1.68 19.29 -37.71
CA PRO F 115 1.62 18.60 -36.42
C PRO F 115 2.85 17.73 -36.23
N ILE F 116 3.27 17.59 -34.97
CA ILE F 116 4.43 16.78 -34.64
C ILE F 116 3.92 15.56 -33.88
N ARG F 117 4.26 14.38 -34.38
CA ARG F 117 3.82 13.14 -33.75
C ARG F 117 4.93 12.53 -32.93
N ASN F 118 4.56 11.86 -31.84
CA ASN F 118 5.58 11.20 -31.02
C ASN F 118 5.88 9.88 -31.68
N GLU F 119 6.80 9.11 -31.09
CA GLU F 119 7.19 7.83 -31.68
C GLU F 119 6.09 6.78 -31.70
N GLN F 120 4.93 7.10 -31.12
CA GLN F 120 3.80 6.18 -31.13
C GLN F 120 2.75 6.70 -32.10
N ASP F 121 3.19 7.59 -32.98
CA ASP F 121 2.36 8.19 -34.01
C ASP F 121 1.22 9.08 -33.53
N LYS F 122 1.30 9.56 -32.29
CA LYS F 122 0.26 10.42 -31.73
C LYS F 122 0.66 11.89 -31.83
N VAL F 123 -0.27 12.74 -32.29
CA VAL F 123 0.03 14.17 -32.41
C VAL F 123 0.15 14.80 -31.03
N VAL F 124 1.33 15.32 -30.71
CA VAL F 124 1.55 15.93 -29.41
C VAL F 124 1.75 17.44 -29.46
N LEU F 125 2.32 17.93 -30.54
CA LEU F 125 2.56 19.35 -30.71
C LEU F 125 2.28 19.79 -32.14
N PHE F 126 2.29 21.10 -32.35
CA PHE F 126 2.08 21.69 -33.66
C PHE F 126 3.27 22.61 -33.90
N LEU F 127 3.93 22.44 -35.03
CA LEU F 127 5.05 23.30 -35.38
C LEU F 127 4.45 24.30 -36.36
N CYS F 128 4.46 25.58 -35.99
CA CYS F 128 3.91 26.61 -36.85
C CYS F 128 5.02 27.52 -37.37
N THR F 129 5.26 27.48 -38.67
CA THR F 129 6.29 28.28 -39.31
C THR F 129 5.72 29.54 -39.95
N PHE F 130 6.45 30.64 -39.81
CA PHE F 130 6.01 31.93 -40.36
C PHE F 130 7.11 32.59 -41.20
N SER F 131 6.68 33.28 -42.26
CA SER F 131 7.61 33.97 -43.15
C SER F 131 6.88 35.14 -43.79
N ASP F 132 7.58 36.26 -43.95
CA ASP F 132 6.98 37.44 -44.56
C ASP F 132 6.98 37.36 -46.08
N ILE F 133 5.79 37.55 -46.66
CA ILE F 133 5.61 37.51 -48.10
C ILE F 133 5.10 38.84 -48.63
#